data_6Q8N
#
_entry.id   6Q8N
#
_cell.length_a   48.120
_cell.length_b   75.750
_cell.length_c   221.990
_cell.angle_alpha   90.00
_cell.angle_beta   90.00
_cell.angle_gamma   90.00
#
_symmetry.space_group_name_H-M   'P 21 21 21'
#
loop_
_entity.id
_entity.type
_entity.pdbx_description
1 polymer Beta-xylanase
2 non-polymer 2-acetamido-2-deoxy-beta-D-glucopyranose
3 non-polymer 1,2-ETHANEDIOL
4 non-polymer 'POTASSIUM ION'
5 non-polymer (1~{R},2~{S},4~{S},5~{R})-cyclohexane-1,2,3,4,5-pentol
6 non-polymer beta-D-xylopyranose
7 water water
#
_entity_poly.entity_id   1
_entity_poly.type   'polypeptide(L)'
_entity_poly.pdbx_seq_one_letter_code
;MVGLLPITAALAATVLPNIVSAVGLDQAAVAKGLQYFGTATDNPELTDIPYVTQLNNTADFGQITPGNSMKWDATEPSQG
TFTFTKGDVIADLAEGNGQYLRCHTLVWYNQLPSWVTSGTWTNATLTAALKNHITNVVSHYKGKCLHWDVVNEALNDDGT
YRTNIFYTTIGEAYIPIAFAAAAAADPDAKLFYNDYNLEYGGAKAASARAIVQLVKNAGAKIDGVGLQAHFSVGTVPSTS
SLVSVLQSFTALGVEVAYTEADVRILLPTTATTLAQQSSDFQALVQSCVQTTGCVGFTIWDWTDKYSWVPSTFSGYGAAL
PWDENLVKKPAYNGLLAGMGVTVTTTTTTTTATATGKTTTTTAGAASTGTTAAHWGQCGGLNWSGPTVCASGYTCTYVND
YYSQCL
;
_entity_poly.pdbx_strand_id   A,B
#
loop_
_chem_comp.id
_chem_comp.type
_chem_comp.name
_chem_comp.formula
EDO non-polymer 1,2-ETHANEDIOL 'C2 H6 O2'
HQ8 non-polymer (1~{R},2~{S},4~{S},5~{R})-cyclohexane-1,2,3,4,5-pentol 'C6 H12 O5'
K non-polymer 'POTASSIUM ION' 'K 1'
NAG D-saccharide, beta linking 2-acetamido-2-deoxy-beta-D-glucopyranose 'C8 H15 N O6'
XYP D-saccharide, beta linking beta-D-xylopyranose 'C5 H10 O5'
#
# COMPACT_ATOMS: atom_id res chain seq x y z
N VAL A 23 -12.50 -26.72 -13.66
CA VAL A 23 -12.52 -25.50 -14.51
C VAL A 23 -11.13 -24.87 -14.48
N GLY A 24 -10.73 -24.28 -15.61
CA GLY A 24 -9.48 -23.49 -15.75
C GLY A 24 -9.74 -22.01 -15.55
N LEU A 25 -8.66 -21.21 -15.58
CA LEU A 25 -8.71 -19.77 -15.18
C LEU A 25 -9.66 -19.01 -16.13
N ASP A 26 -9.55 -19.22 -17.46
CA ASP A 26 -10.39 -18.46 -18.44
C ASP A 26 -11.85 -18.88 -18.32
N GLN A 27 -12.12 -20.19 -18.13
CA GLN A 27 -13.51 -20.69 -17.94
C GLN A 27 -14.11 -19.99 -16.72
N ALA A 28 -13.36 -19.91 -15.62
CA ALA A 28 -13.84 -19.27 -14.36
C ALA A 28 -14.09 -17.78 -14.61
N ALA A 29 -13.20 -17.09 -15.34
CA ALA A 29 -13.33 -15.64 -15.62
C ALA A 29 -14.60 -15.38 -16.43
N VAL A 30 -14.79 -16.11 -17.53
CA VAL A 30 -15.95 -15.93 -18.44
C VAL A 30 -17.24 -16.18 -17.63
N ALA A 31 -17.26 -17.14 -16.70
CA ALA A 31 -18.46 -17.45 -15.89
C ALA A 31 -18.82 -16.27 -14.97
N LYS A 32 -17.87 -15.41 -14.60
CA LYS A 32 -18.13 -14.21 -13.75
C LYS A 32 -18.25 -12.92 -14.59
N GLY A 33 -18.32 -13.03 -15.90
CA GLY A 33 -18.60 -11.91 -16.82
C GLY A 33 -17.35 -11.17 -17.28
N LEU A 34 -16.14 -11.71 -17.06
CA LEU A 34 -14.92 -11.13 -17.69
C LEU A 34 -14.89 -11.59 -19.15
N GLN A 35 -14.21 -10.83 -20.03
CA GLN A 35 -13.93 -11.27 -21.42
C GLN A 35 -12.88 -12.41 -21.44
N TYR A 36 -11.88 -12.38 -20.58
CA TYR A 36 -10.71 -13.30 -20.66
C TYR A 36 -9.94 -13.34 -19.34
N PHE A 37 -9.20 -14.44 -19.18
CA PHE A 37 -7.97 -14.57 -18.38
C PHE A 37 -6.89 -14.95 -19.39
N GLY A 38 -5.77 -14.24 -19.42
CA GLY A 38 -4.67 -14.52 -20.37
C GLY A 38 -3.26 -14.30 -19.83
N THR A 39 -2.30 -14.39 -20.76
CA THR A 39 -0.85 -14.43 -20.46
C THR A 39 -0.05 -13.76 -21.58
N ALA A 40 1.08 -13.15 -21.21
CA ALA A 40 2.13 -12.78 -22.18
C ALA A 40 2.95 -14.03 -22.53
N THR A 41 3.65 -13.97 -23.67
CA THR A 41 4.68 -14.98 -24.02
C THR A 41 5.75 -14.27 -24.87
N ASP A 42 6.77 -14.99 -25.37
CA ASP A 42 7.78 -14.42 -26.30
C ASP A 42 8.31 -15.51 -27.25
N ASN A 43 8.82 -15.12 -28.42
CA ASN A 43 9.19 -16.06 -29.53
C ASN A 43 10.18 -17.12 -29.04
N PRO A 44 11.27 -16.80 -28.29
CA PRO A 44 12.29 -17.79 -27.91
C PRO A 44 11.74 -18.97 -27.09
N GLU A 45 10.58 -18.78 -26.46
CA GLU A 45 9.93 -19.79 -25.58
C GLU A 45 9.19 -20.83 -26.41
N LEU A 46 8.94 -20.56 -27.68
CA LEU A 46 8.03 -21.41 -28.48
C LEU A 46 8.72 -22.71 -28.99
N THR A 47 9.99 -22.96 -28.71
CA THR A 47 10.67 -24.25 -29.03
C THR A 47 10.55 -25.23 -27.85
N ASP A 48 10.03 -24.78 -26.70
CA ASP A 48 9.83 -25.60 -25.48
C ASP A 48 8.45 -26.24 -25.60
N ILE A 49 8.39 -27.49 -26.02
CA ILE A 49 7.09 -28.14 -26.39
C ILE A 49 6.18 -28.24 -25.17
N PRO A 50 6.59 -28.77 -23.99
CA PRO A 50 5.72 -28.78 -22.81
C PRO A 50 5.19 -27.38 -22.41
N TYR A 51 5.99 -26.32 -22.55
CA TYR A 51 5.55 -24.91 -22.39
C TYR A 51 4.41 -24.60 -23.38
N VAL A 52 4.63 -24.84 -24.69
CA VAL A 52 3.64 -24.39 -25.71
C VAL A 52 2.35 -25.20 -25.56
N THR A 53 2.44 -26.47 -25.14
CA THR A 53 1.25 -27.33 -24.92
C THR A 53 0.33 -26.67 -23.89
N GLN A 54 0.90 -26.13 -22.80
CA GLN A 54 0.09 -25.41 -21.77
C GLN A 54 -0.27 -23.98 -22.25
N LEU A 55 0.57 -23.28 -23.03
CA LEU A 55 0.17 -21.95 -23.59
C LEU A 55 -1.10 -22.13 -24.44
N ASN A 56 -1.24 -23.30 -25.09
CA ASN A 56 -2.34 -23.61 -26.04
C ASN A 56 -3.58 -24.13 -25.30
N ASN A 57 -3.52 -24.24 -23.97
CA ASN A 57 -4.65 -24.71 -23.14
C ASN A 57 -5.66 -23.58 -22.91
N THR A 58 -6.71 -23.52 -23.74
CA THR A 58 -7.75 -22.44 -23.74
C THR A 58 -8.72 -22.60 -22.55
N ALA A 59 -8.69 -23.69 -21.78
CA ALA A 59 -9.41 -23.75 -20.48
C ALA A 59 -8.79 -22.72 -19.52
N ASP A 60 -7.47 -22.54 -19.59
CA ASP A 60 -6.75 -21.57 -18.70
C ASP A 60 -6.54 -20.20 -19.37
N PHE A 61 -6.14 -20.16 -20.65
CA PHE A 61 -5.74 -18.91 -21.35
C PHE A 61 -6.66 -18.63 -22.57
N GLY A 62 -7.50 -17.58 -22.50
CA GLY A 62 -8.35 -17.08 -23.60
C GLY A 62 -7.78 -15.84 -24.32
N GLN A 63 -6.57 -15.41 -23.93
CA GLN A 63 -5.92 -14.15 -24.42
C GLN A 63 -4.39 -14.25 -24.33
N ILE A 64 -3.72 -13.60 -25.29
CA ILE A 64 -2.23 -13.64 -25.48
C ILE A 64 -1.75 -12.19 -25.67
N THR A 65 -0.62 -11.86 -25.06
CA THR A 65 0.11 -10.57 -25.32
C THR A 65 1.49 -10.92 -25.83
N PRO A 66 1.96 -10.31 -26.95
CA PRO A 66 3.37 -10.46 -27.36
C PRO A 66 4.26 -9.64 -26.41
N GLY A 67 5.20 -10.31 -25.73
CA GLY A 67 6.09 -9.72 -24.72
C GLY A 67 7.05 -8.71 -25.32
N ASN A 68 7.53 -8.90 -26.56
CA ASN A 68 8.65 -8.09 -27.11
C ASN A 68 8.50 -7.79 -28.63
N SER A 69 7.88 -8.67 -29.41
CA SER A 69 8.10 -8.66 -30.89
C SER A 69 7.14 -7.71 -31.62
N MET A 70 6.34 -6.91 -30.92
CA MET A 70 5.60 -5.77 -31.54
C MET A 70 6.10 -4.40 -31.03
N LYS A 71 7.19 -4.36 -30.28
CA LYS A 71 7.82 -3.08 -29.80
C LYS A 71 8.57 -2.39 -30.95
N TRP A 72 8.90 -1.11 -30.77
CA TRP A 72 9.43 -0.26 -31.87
C TRP A 72 10.74 -0.86 -32.40
N ASP A 73 11.67 -1.27 -31.53
CA ASP A 73 12.98 -1.82 -31.99
C ASP A 73 12.75 -3.08 -32.86
N ALA A 74 11.69 -3.86 -32.61
CA ALA A 74 11.37 -5.14 -33.29
C ALA A 74 10.63 -4.93 -34.60
N THR A 75 9.93 -3.79 -34.76
CA THR A 75 9.00 -3.55 -35.91
C THR A 75 9.57 -2.54 -36.90
N GLU A 76 10.34 -1.54 -36.45
CA GLU A 76 10.95 -0.51 -37.35
C GLU A 76 12.42 -0.31 -37.01
N PRO A 77 13.29 -1.30 -37.33
CA PRO A 77 14.70 -1.23 -36.95
C PRO A 77 15.52 -0.15 -37.67
N SER A 78 15.06 0.31 -38.83
CA SER A 78 15.61 1.52 -39.48
C SER A 78 14.44 2.38 -39.99
N GLN A 79 14.61 3.71 -40.07
CA GLN A 79 13.53 4.67 -40.41
C GLN A 79 12.88 4.25 -41.73
N GLY A 80 11.60 3.85 -41.70
CA GLY A 80 10.82 3.53 -42.91
C GLY A 80 10.88 2.05 -43.33
N THR A 81 11.65 1.17 -42.66
CA THR A 81 11.70 -0.30 -42.94
C THR A 81 11.03 -1.06 -41.80
N PHE A 82 10.00 -1.81 -42.13
CA PHE A 82 9.15 -2.54 -41.14
C PHE A 82 9.41 -4.05 -41.27
N THR A 83 9.50 -4.75 -40.14
CA THR A 83 9.76 -6.22 -40.06
C THR A 83 8.75 -6.83 -39.08
N PHE A 84 7.78 -7.59 -39.60
CA PHE A 84 6.65 -8.16 -38.83
C PHE A 84 6.79 -9.69 -38.67
N THR A 85 7.88 -10.33 -39.07
CA THR A 85 7.92 -11.83 -39.06
C THR A 85 7.68 -12.34 -37.62
N LYS A 86 8.43 -11.85 -36.65
CA LYS A 86 8.38 -12.34 -35.25
C LYS A 86 7.03 -11.99 -34.59
N GLY A 87 6.52 -10.77 -34.80
CA GLY A 87 5.20 -10.40 -34.25
C GLY A 87 4.09 -11.25 -34.83
N ASP A 88 4.21 -11.55 -36.13
CA ASP A 88 3.21 -12.36 -36.87
C ASP A 88 3.17 -13.79 -36.28
N VAL A 89 4.31 -14.34 -35.85
CA VAL A 89 4.31 -15.70 -35.23
C VAL A 89 3.35 -15.69 -34.04
N ILE A 90 3.43 -14.68 -33.16
CA ILE A 90 2.56 -14.61 -31.95
C ILE A 90 1.12 -14.39 -32.36
N ALA A 91 0.84 -13.44 -33.26
CA ALA A 91 -0.54 -13.16 -33.74
C ALA A 91 -1.18 -14.43 -34.32
N ASP A 92 -0.42 -15.25 -35.09
CA ASP A 92 -0.95 -16.45 -35.80
C ASP A 92 -1.24 -17.55 -34.76
N LEU A 93 -0.45 -17.63 -33.67
CA LEU A 93 -0.69 -18.62 -32.59
C LEU A 93 -2.02 -18.30 -31.91
N ALA A 94 -2.26 -17.04 -31.52
CA ALA A 94 -3.56 -16.60 -30.93
C ALA A 94 -4.72 -16.97 -31.86
N GLU A 95 -4.63 -16.62 -33.15
CA GLU A 95 -5.73 -16.90 -34.12
C GLU A 95 -5.93 -18.43 -34.24
N GLY A 96 -4.83 -19.19 -34.27
CA GLY A 96 -4.81 -20.67 -34.32
C GLY A 96 -5.54 -21.30 -33.15
N ASN A 97 -5.44 -20.72 -31.94
CA ASN A 97 -6.10 -21.22 -30.72
C ASN A 97 -7.50 -20.62 -30.53
N GLY A 98 -7.90 -19.55 -31.23
CA GLY A 98 -9.14 -18.81 -30.91
C GLY A 98 -9.00 -17.87 -29.70
N GLN A 99 -7.78 -17.41 -29.39
CA GLN A 99 -7.46 -16.51 -28.23
C GLN A 99 -7.48 -15.06 -28.71
N TYR A 100 -8.02 -14.14 -27.91
CA TYR A 100 -7.93 -12.66 -28.09
C TYR A 100 -6.45 -12.25 -28.10
N LEU A 101 -6.13 -11.18 -28.81
CA LEU A 101 -4.77 -10.60 -28.84
C LEU A 101 -4.80 -9.16 -28.29
N ARG A 102 -3.98 -8.89 -27.27
CA ARG A 102 -3.70 -7.50 -26.80
C ARG A 102 -2.41 -7.11 -27.49
N CYS A 103 -2.46 -6.13 -28.42
CA CYS A 103 -1.25 -5.71 -29.16
C CYS A 103 -0.51 -4.67 -28.31
N HIS A 104 0.82 -4.83 -28.22
CA HIS A 104 1.72 -4.19 -27.22
C HIS A 104 3.12 -3.96 -27.79
N THR A 105 3.70 -2.73 -27.82
CA THR A 105 3.10 -1.45 -27.44
C THR A 105 3.67 -0.40 -28.42
N LEU A 106 2.97 0.68 -28.68
CA LEU A 106 3.39 1.60 -29.79
C LEU A 106 4.41 2.64 -29.31
N VAL A 107 4.19 3.33 -28.18
CA VAL A 107 5.02 4.49 -27.74
C VAL A 107 5.44 4.25 -26.29
N TRP A 108 6.76 4.16 -26.04
CA TRP A 108 7.40 3.85 -24.72
C TRP A 108 8.84 4.35 -24.72
N TYR A 109 9.37 4.75 -23.56
CA TYR A 109 10.76 5.22 -23.40
C TYR A 109 11.77 4.09 -23.66
N ASN A 110 11.38 2.82 -23.47
CA ASN A 110 12.27 1.63 -23.46
C ASN A 110 12.11 0.82 -24.76
N GLN A 111 13.16 0.14 -25.22
CA GLN A 111 13.18 -0.68 -26.47
C GLN A 111 12.83 0.17 -27.72
N LEU A 112 13.32 1.41 -27.77
CA LEU A 112 13.43 2.25 -28.99
C LEU A 112 14.72 1.91 -29.74
N PRO A 113 14.71 1.95 -31.10
CA PRO A 113 15.98 1.85 -31.84
C PRO A 113 16.79 3.17 -31.76
N SER A 114 18.09 3.09 -31.98
CA SER A 114 19.00 4.24 -31.83
C SER A 114 18.69 5.34 -32.87
N TRP A 115 18.10 5.03 -34.03
CA TRP A 115 17.72 6.12 -34.99
C TRP A 115 16.67 7.06 -34.38
N VAL A 116 15.85 6.57 -33.44
CA VAL A 116 14.86 7.42 -32.71
C VAL A 116 15.57 8.21 -31.58
N THR A 117 16.24 7.51 -30.65
CA THR A 117 16.86 8.11 -29.46
C THR A 117 17.97 9.09 -29.80
N SER A 118 18.67 8.91 -30.93
CA SER A 118 19.91 9.64 -31.32
C SER A 118 19.64 10.53 -32.54
N GLY A 119 18.36 10.70 -32.93
CA GLY A 119 18.00 11.52 -34.12
C GLY A 119 18.22 13.00 -33.89
N THR A 120 18.44 13.74 -34.98
N THR A 120 18.37 13.78 -34.96
CA THR A 120 18.40 15.22 -34.97
CA THR A 120 18.43 15.26 -34.90
C THR A 120 16.96 15.60 -35.34
C THR A 120 17.06 15.83 -35.29
N TRP A 121 16.13 15.89 -34.33
CA TRP A 121 14.66 16.05 -34.53
C TRP A 121 14.19 17.52 -34.39
N THR A 122 13.07 17.84 -35.03
CA THR A 122 12.18 18.98 -34.67
C THR A 122 10.84 18.41 -34.22
N ASN A 123 10.02 19.22 -33.56
CA ASN A 123 8.58 18.87 -33.33
C ASN A 123 7.97 18.33 -34.62
N ALA A 124 8.15 19.01 -35.77
CA ALA A 124 7.52 18.57 -37.03
C ALA A 124 8.07 17.21 -37.49
N THR A 125 9.39 17.01 -37.49
CA THR A 125 9.93 15.77 -38.10
C THR A 125 9.66 14.57 -37.18
N LEU A 126 9.75 14.71 -35.86
CA LEU A 126 9.49 13.56 -34.95
C LEU A 126 7.98 13.24 -34.91
N THR A 127 7.10 14.26 -34.97
CA THR A 127 5.64 14.06 -35.08
C THR A 127 5.35 13.21 -36.34
N ALA A 128 5.92 13.56 -37.49
CA ALA A 128 5.69 12.79 -38.73
C ALA A 128 6.17 11.34 -38.58
N ALA A 129 7.35 11.13 -37.99
CA ALA A 129 7.96 9.79 -37.87
C ALA A 129 7.14 8.94 -36.87
N LEU A 130 6.59 9.58 -35.82
CA LEU A 130 5.71 8.89 -34.81
C LEU A 130 4.40 8.47 -35.48
N LYS A 131 3.75 9.37 -36.23
CA LYS A 131 2.50 9.00 -36.95
C LYS A 131 2.78 7.90 -37.98
N ASN A 132 3.91 7.96 -38.71
CA ASN A 132 4.27 6.94 -39.73
C ASN A 132 4.46 5.57 -39.06
N HIS A 133 5.18 5.51 -37.94
CA HIS A 133 5.39 4.25 -37.15
C HIS A 133 4.02 3.67 -36.79
N ILE A 134 3.17 4.45 -36.13
CA ILE A 134 1.85 3.96 -35.66
C ILE A 134 1.01 3.51 -36.88
N THR A 135 0.93 4.33 -37.93
CA THR A 135 0.06 4.01 -39.10
C THR A 135 0.46 2.66 -39.69
N ASN A 136 1.76 2.39 -39.90
CA ASN A 136 2.26 1.17 -40.57
C ASN A 136 2.00 -0.07 -39.66
N VAL A 137 2.31 0.03 -38.37
CA VAL A 137 2.18 -1.12 -37.44
C VAL A 137 0.69 -1.43 -37.21
N VAL A 138 -0.13 -0.44 -36.90
CA VAL A 138 -1.57 -0.69 -36.60
C VAL A 138 -2.26 -1.16 -37.90
N SER A 139 -1.92 -0.56 -39.03
CA SER A 139 -2.54 -1.00 -40.31
C SER A 139 -2.20 -2.46 -40.62
N HIS A 140 -0.95 -2.90 -40.37
CA HIS A 140 -0.54 -4.32 -40.57
C HIS A 140 -1.44 -5.28 -39.78
N TYR A 141 -1.76 -4.96 -38.53
CA TYR A 141 -2.51 -5.86 -37.60
C TYR A 141 -4.01 -5.53 -37.60
N LYS A 142 -4.50 -4.72 -38.54
CA LYS A 142 -5.91 -4.18 -38.54
C LYS A 142 -6.90 -5.35 -38.42
N GLY A 143 -7.79 -5.27 -37.43
CA GLY A 143 -8.85 -6.24 -37.12
C GLY A 143 -8.41 -7.43 -36.27
N LYS A 144 -7.11 -7.57 -35.95
CA LYS A 144 -6.57 -8.73 -35.20
C LYS A 144 -6.46 -8.40 -33.69
N CYS A 145 -6.41 -7.11 -33.34
CA CYS A 145 -6.05 -6.58 -31.99
C CYS A 145 -7.32 -6.21 -31.23
N LEU A 146 -7.71 -6.98 -30.18
CA LEU A 146 -8.84 -6.61 -29.29
C LEU A 146 -8.52 -5.24 -28.67
N HIS A 147 -7.30 -5.13 -28.17
CA HIS A 147 -6.77 -3.87 -27.54
C HIS A 147 -5.42 -3.50 -28.16
N TRP A 148 -5.05 -2.21 -28.15
CA TRP A 148 -3.65 -1.74 -28.31
C TRP A 148 -3.30 -1.01 -27.03
N ASP A 149 -2.14 -1.29 -26.46
CA ASP A 149 -1.45 -0.40 -25.51
C ASP A 149 -0.76 0.69 -26.34
N VAL A 150 -1.41 1.85 -26.55
CA VAL A 150 -0.91 2.92 -27.47
C VAL A 150 0.26 3.66 -26.82
N VAL A 151 0.02 4.19 -25.62
CA VAL A 151 1.06 4.93 -24.84
C VAL A 151 1.29 4.17 -23.52
N ASN A 152 2.55 3.82 -23.27
CA ASN A 152 3.02 3.00 -22.12
C ASN A 152 3.88 3.87 -21.21
N GLU A 153 3.61 3.85 -19.90
CA GLU A 153 4.53 4.40 -18.84
C GLU A 153 4.94 5.87 -19.09
N ALA A 154 3.99 6.84 -19.20
CA ALA A 154 4.30 8.23 -19.55
C ALA A 154 4.60 9.04 -18.29
N LEU A 155 4.49 8.42 -17.10
CA LEU A 155 4.54 9.14 -15.79
C LEU A 155 5.72 8.70 -14.89
N ASN A 156 6.32 9.68 -14.20
CA ASN A 156 7.23 9.47 -13.05
C ASN A 156 6.41 9.00 -11.83
N ASP A 157 7.11 8.48 -10.83
CA ASP A 157 6.46 7.97 -9.58
C ASP A 157 5.61 9.10 -8.94
N ASP A 158 6.02 10.38 -9.02
CA ASP A 158 5.28 11.53 -8.39
C ASP A 158 4.18 12.12 -9.30
N GLY A 159 3.91 11.54 -10.48
CA GLY A 159 2.82 11.98 -11.37
C GLY A 159 3.20 13.14 -12.32
N THR A 160 4.46 13.58 -12.32
CA THR A 160 5.00 14.45 -13.41
C THR A 160 5.23 13.58 -14.67
N TYR A 161 5.46 14.19 -15.84
CA TYR A 161 5.72 13.41 -17.08
C TYR A 161 7.17 12.84 -17.05
N ARG A 162 7.27 11.57 -17.39
CA ARG A 162 8.56 10.85 -17.59
C ARG A 162 9.24 11.48 -18.81
N THR A 163 10.49 11.89 -18.67
CA THR A 163 11.33 12.38 -19.81
C THR A 163 11.54 11.24 -20.81
N ASN A 164 11.40 11.56 -22.08
CA ASN A 164 11.78 10.66 -23.19
C ASN A 164 11.87 11.61 -24.38
N ILE A 165 12.32 11.10 -25.54
CA ILE A 165 12.57 11.94 -26.74
C ILE A 165 11.23 12.52 -27.23
N PHE A 166 10.11 11.82 -27.07
CA PHE A 166 8.77 12.32 -27.53
C PHE A 166 8.41 13.55 -26.69
N TYR A 167 8.65 13.50 -25.39
CA TYR A 167 8.18 14.55 -24.44
C TYR A 167 9.09 15.78 -24.59
N THR A 168 10.39 15.60 -24.77
CA THR A 168 11.32 16.75 -24.86
C THR A 168 11.24 17.41 -26.25
N THR A 169 10.78 16.75 -27.29
CA THR A 169 10.75 17.31 -28.69
C THR A 169 9.32 17.75 -29.07
N ILE A 170 8.29 16.97 -28.72
CA ILE A 170 6.87 17.26 -29.09
C ILE A 170 6.11 17.89 -27.90
N GLY A 171 6.53 17.64 -26.66
CA GLY A 171 5.78 17.99 -25.44
C GLY A 171 4.64 17.00 -25.19
N GLU A 172 3.71 17.34 -24.28
CA GLU A 172 2.60 16.41 -23.90
C GLU A 172 1.67 16.12 -25.07
N ALA A 173 1.64 16.93 -26.14
CA ALA A 173 0.82 16.64 -27.34
C ALA A 173 1.14 15.26 -27.90
N TYR A 174 2.34 14.66 -27.63
CA TYR A 174 2.70 13.36 -28.25
C TYR A 174 1.64 12.34 -27.88
N ILE A 175 1.01 12.51 -26.71
CA ILE A 175 0.03 11.51 -26.24
C ILE A 175 -1.24 11.52 -27.11
N PRO A 176 -2.04 12.61 -27.18
CA PRO A 176 -3.21 12.57 -28.06
C PRO A 176 -2.88 12.33 -29.54
N ILE A 177 -1.70 12.78 -30.01
CA ILE A 177 -1.23 12.50 -31.41
C ILE A 177 -1.19 10.99 -31.65
N ALA A 178 -0.58 10.22 -30.74
CA ALA A 178 -0.47 8.74 -30.84
C ALA A 178 -1.87 8.10 -30.85
N PHE A 179 -2.76 8.49 -29.93
CA PHE A 179 -4.15 7.92 -29.89
C PHE A 179 -4.89 8.25 -31.22
N ALA A 180 -4.80 9.48 -31.73
CA ALA A 180 -5.52 9.86 -32.97
C ALA A 180 -4.96 9.05 -34.17
N ALA A 181 -3.63 8.87 -34.24
CA ALA A 181 -2.98 8.08 -35.32
C ALA A 181 -3.42 6.59 -35.28
N ALA A 182 -3.47 5.96 -34.08
CA ALA A 182 -3.93 4.56 -33.92
C ALA A 182 -5.41 4.42 -34.34
N ALA A 183 -6.27 5.36 -33.94
CA ALA A 183 -7.74 5.25 -34.21
C ALA A 183 -8.03 5.33 -35.72
N ALA A 184 -7.33 6.19 -36.46
CA ALA A 184 -7.50 6.34 -37.94
C ALA A 184 -7.05 5.05 -38.66
N ALA A 185 -6.01 4.35 -38.16
CA ALA A 185 -5.45 3.15 -38.81
C ALA A 185 -6.28 1.88 -38.48
N ASP A 186 -6.96 1.81 -37.33
CA ASP A 186 -7.83 0.64 -36.97
C ASP A 186 -8.94 1.10 -36.05
N PRO A 187 -10.08 1.55 -36.60
CA PRO A 187 -11.20 2.03 -35.78
C PRO A 187 -11.84 0.96 -34.86
N ASP A 188 -11.57 -0.33 -35.06
CA ASP A 188 -12.24 -1.40 -34.26
C ASP A 188 -11.44 -1.74 -32.98
N ALA A 189 -10.16 -1.34 -32.84
CA ALA A 189 -9.29 -1.71 -31.69
C ALA A 189 -9.65 -0.81 -30.49
N LYS A 190 -9.78 -1.37 -29.30
CA LYS A 190 -9.89 -0.54 -28.07
C LYS A 190 -8.49 0.04 -27.76
N LEU A 191 -8.39 1.35 -27.54
CA LEU A 191 -7.09 2.05 -27.34
C LEU A 191 -6.90 2.34 -25.84
N PHE A 192 -5.83 1.77 -25.26
CA PHE A 192 -5.45 1.83 -23.82
C PHE A 192 -4.23 2.71 -23.60
N TYR A 193 -4.29 3.43 -22.45
CA TYR A 193 -3.11 4.00 -21.76
C TYR A 193 -2.72 2.99 -20.68
N ASN A 194 -1.44 2.60 -20.56
CA ASN A 194 -0.97 1.48 -19.67
C ASN A 194 0.12 1.99 -18.72
N ASP A 195 0.05 1.64 -17.43
CA ASP A 195 1.02 2.14 -16.44
C ASP A 195 1.01 1.23 -15.21
N TYR A 196 2.02 1.38 -14.36
CA TYR A 196 2.21 0.61 -13.10
C TYR A 196 2.08 1.53 -11.89
N ASN A 197 1.85 0.90 -10.73
CA ASN A 197 1.68 1.57 -9.42
C ASN A 197 0.44 2.48 -9.43
N LEU A 198 -0.53 2.31 -10.35
CA LEU A 198 -1.78 3.13 -10.25
C LEU A 198 -2.71 2.53 -9.18
N GLU A 199 -2.49 1.29 -8.75
CA GLU A 199 -3.40 0.55 -7.83
C GLU A 199 -3.38 1.19 -6.45
N TYR A 200 -2.35 2.01 -6.14
CA TYR A 200 -2.21 2.69 -4.82
C TYR A 200 -3.03 3.99 -4.78
N GLY A 201 -3.60 4.43 -5.91
CA GLY A 201 -4.27 5.74 -5.98
C GLY A 201 -3.24 6.86 -5.76
N GLY A 202 -3.61 7.93 -5.09
CA GLY A 202 -2.63 9.03 -4.84
C GLY A 202 -2.16 9.73 -6.12
N ALA A 203 -0.96 10.36 -6.08
CA ALA A 203 -0.50 11.34 -7.11
C ALA A 203 -0.42 10.67 -8.50
N LYS A 204 0.12 9.46 -8.61
CA LYS A 204 0.32 8.85 -9.95
C LYS A 204 -1.05 8.51 -10.57
N ALA A 205 -1.97 7.90 -9.82
CA ALA A 205 -3.32 7.59 -10.34
C ALA A 205 -4.01 8.88 -10.81
N ALA A 206 -3.92 9.97 -10.05
CA ALA A 206 -4.58 11.27 -10.36
C ALA A 206 -4.00 11.78 -11.69
N SER A 207 -2.67 11.64 -11.89
CA SER A 207 -2.02 12.01 -13.16
C SER A 207 -2.44 11.11 -14.33
N ALA A 208 -2.73 9.82 -14.12
CA ALA A 208 -3.26 8.93 -15.19
C ALA A 208 -4.70 9.34 -15.58
N ARG A 209 -5.54 9.73 -14.62
CA ARG A 209 -6.88 10.32 -14.89
C ARG A 209 -6.73 11.60 -15.72
N ALA A 210 -5.76 12.44 -15.40
CA ALA A 210 -5.50 13.70 -16.12
C ALA A 210 -5.09 13.41 -17.57
N ILE A 211 -4.34 12.34 -17.82
CA ILE A 211 -3.97 11.92 -19.22
C ILE A 211 -5.23 11.53 -19.97
N VAL A 212 -6.14 10.76 -19.34
CA VAL A 212 -7.44 10.40 -19.98
C VAL A 212 -8.10 11.71 -20.38
N GLN A 213 -8.14 12.72 -19.49
CA GLN A 213 -8.87 13.99 -19.77
C GLN A 213 -8.12 14.80 -20.84
N LEU A 214 -6.79 14.84 -20.83
CA LEU A 214 -5.96 15.42 -21.95
C LEU A 214 -6.44 14.88 -23.31
N VAL A 215 -6.52 13.56 -23.45
CA VAL A 215 -6.86 12.94 -24.77
C VAL A 215 -8.31 13.34 -25.16
N LYS A 216 -9.28 13.27 -24.24
CA LYS A 216 -10.68 13.68 -24.52
C LYS A 216 -10.72 15.17 -24.88
N ASN A 217 -9.98 16.02 -24.15
CA ASN A 217 -9.96 17.48 -24.43
C ASN A 217 -9.46 17.74 -25.86
N ALA A 218 -8.52 16.94 -26.37
CA ALA A 218 -7.93 17.07 -27.74
C ALA A 218 -8.87 16.53 -28.82
N GLY A 219 -9.97 15.88 -28.46
CA GLY A 219 -10.91 15.26 -29.42
C GLY A 219 -10.46 13.92 -29.94
N ALA A 220 -9.54 13.24 -29.26
CA ALA A 220 -8.97 11.97 -29.73
C ALA A 220 -9.64 10.80 -29.01
N LYS A 221 -9.55 9.60 -29.59
CA LYS A 221 -10.22 8.40 -29.02
C LYS A 221 -9.36 7.75 -27.94
N ILE A 222 -9.93 7.48 -26.76
CA ILE A 222 -9.31 6.59 -25.73
C ILE A 222 -10.42 5.72 -25.11
N ASP A 223 -10.17 4.43 -24.99
CA ASP A 223 -11.18 3.40 -24.62
C ASP A 223 -10.86 2.79 -23.27
N GLY A 224 -9.59 2.84 -22.81
CA GLY A 224 -9.15 1.99 -21.68
C GLY A 224 -7.99 2.56 -20.89
N VAL A 225 -7.90 2.16 -19.61
CA VAL A 225 -6.67 2.30 -18.81
C VAL A 225 -6.23 0.90 -18.36
N GLY A 226 -4.97 0.54 -18.64
CA GLY A 226 -4.35 -0.72 -18.17
C GLY A 226 -3.59 -0.52 -16.89
N LEU A 227 -3.92 -1.30 -15.85
CA LEU A 227 -3.21 -1.29 -14.56
C LEU A 227 -2.32 -2.54 -14.55
N GLN A 228 -1.01 -2.35 -14.65
CA GLN A 228 -0.04 -3.48 -14.88
C GLN A 228 -0.07 -4.52 -13.72
N ALA A 229 -0.32 -4.10 -12.48
CA ALA A 229 -0.42 -5.00 -11.32
C ALA A 229 0.91 -5.76 -11.12
N HIS A 230 2.05 -5.05 -11.19
CA HIS A 230 3.34 -5.51 -10.60
C HIS A 230 3.34 -5.18 -9.09
N PHE A 231 3.52 -6.19 -8.25
CA PHE A 231 3.67 -5.98 -6.79
C PHE A 231 4.81 -6.85 -6.23
N SER A 232 5.42 -6.41 -5.13
CA SER A 232 6.18 -7.29 -4.22
C SER A 232 5.21 -7.92 -3.21
N VAL A 233 5.44 -9.16 -2.82
CA VAL A 233 4.48 -9.94 -1.97
C VAL A 233 4.21 -9.15 -0.66
N GLY A 234 2.94 -9.08 -0.26
CA GLY A 234 2.53 -8.40 0.98
C GLY A 234 2.27 -6.90 0.85
N THR A 235 2.32 -6.29 -0.34
CA THR A 235 2.10 -4.83 -0.56
C THR A 235 0.79 -4.59 -1.33
N VAL A 236 -0.04 -5.60 -1.54
N VAL A 236 -0.04 -5.62 -1.52
CA VAL A 236 -1.34 -5.42 -2.24
CA VAL A 236 -1.36 -5.49 -2.20
C VAL A 236 -2.38 -5.04 -1.18
C VAL A 236 -2.38 -5.04 -1.16
N PRO A 237 -3.17 -3.96 -1.42
CA PRO A 237 -4.22 -3.54 -0.49
C PRO A 237 -5.47 -4.42 -0.49
N SER A 238 -6.47 -4.07 0.32
CA SER A 238 -7.73 -4.85 0.42
C SER A 238 -8.44 -4.87 -0.94
N THR A 239 -9.31 -5.88 -1.14
CA THR A 239 -10.17 -5.96 -2.35
C THR A 239 -10.99 -4.67 -2.47
N SER A 240 -11.55 -4.15 -1.38
CA SER A 240 -12.44 -2.98 -1.46
C SER A 240 -11.64 -1.72 -1.85
N SER A 241 -10.37 -1.63 -1.42
CA SER A 241 -9.44 -0.54 -1.83
C SER A 241 -9.19 -0.56 -3.35
N LEU A 242 -8.85 -1.71 -3.88
CA LEU A 242 -8.61 -1.95 -5.35
C LEU A 242 -9.88 -1.56 -6.13
N VAL A 243 -11.04 -2.05 -5.72
CA VAL A 243 -12.34 -1.72 -6.39
C VAL A 243 -12.52 -0.19 -6.47
N SER A 244 -12.25 0.54 -5.38
N SER A 244 -12.27 0.55 -5.38
CA SER A 244 -12.42 2.00 -5.32
CA SER A 244 -12.46 2.02 -5.37
C SER A 244 -11.52 2.67 -6.36
C SER A 244 -11.53 2.65 -6.42
N VAL A 245 -10.28 2.22 -6.50
CA VAL A 245 -9.34 2.77 -7.52
C VAL A 245 -9.87 2.41 -8.92
N LEU A 246 -10.30 1.17 -9.15
CA LEU A 246 -10.76 0.79 -10.52
C LEU A 246 -11.98 1.66 -10.90
N GLN A 247 -12.92 1.88 -9.97
CA GLN A 247 -14.14 2.73 -10.17
C GLN A 247 -13.78 4.17 -10.49
N SER A 248 -12.66 4.70 -9.97
CA SER A 248 -12.18 6.07 -10.22
C SER A 248 -11.86 6.24 -11.72
N PHE A 249 -11.50 5.16 -12.41
CA PHE A 249 -11.25 5.14 -13.89
C PHE A 249 -12.55 4.84 -14.69
N THR A 250 -13.37 3.86 -14.32
CA THR A 250 -14.62 3.50 -15.04
C THR A 250 -15.63 4.67 -14.98
N ALA A 251 -15.55 5.54 -13.98
CA ALA A 251 -16.32 6.80 -13.87
C ALA A 251 -16.00 7.76 -15.04
N LEU A 252 -14.83 7.65 -15.67
CA LEU A 252 -14.46 8.53 -16.79
C LEU A 252 -15.06 8.02 -18.11
N GLY A 253 -15.72 6.87 -18.11
CA GLY A 253 -16.30 6.24 -19.30
C GLY A 253 -15.31 5.37 -20.06
N VAL A 254 -14.21 4.94 -19.43
CA VAL A 254 -13.24 3.98 -20.04
C VAL A 254 -13.41 2.62 -19.32
N GLU A 255 -13.04 1.56 -20.03
CA GLU A 255 -12.82 0.21 -19.49
C GLU A 255 -11.48 0.21 -18.73
N VAL A 256 -11.29 -0.81 -17.90
CA VAL A 256 -9.98 -1.12 -17.24
C VAL A 256 -9.64 -2.60 -17.41
N ALA A 257 -8.38 -2.92 -17.22
CA ALA A 257 -7.91 -4.33 -17.18
C ALA A 257 -6.57 -4.34 -16.42
N TYR A 258 -6.27 -5.47 -15.81
CA TYR A 258 -4.94 -5.75 -15.23
C TYR A 258 -4.12 -6.43 -16.33
N THR A 259 -2.93 -5.91 -16.64
CA THR A 259 -2.25 -6.15 -17.94
C THR A 259 -0.91 -6.92 -17.83
N GLU A 260 -0.17 -6.86 -16.71
CA GLU A 260 1.20 -7.43 -16.62
C GLU A 260 1.40 -8.02 -15.20
N ALA A 261 0.43 -8.75 -14.69
CA ALA A 261 0.36 -9.07 -13.23
C ALA A 261 1.48 -10.06 -12.84
N ASP A 262 2.13 -9.77 -11.71
CA ASP A 262 3.08 -10.72 -11.03
C ASP A 262 3.24 -10.27 -9.58
N VAL A 263 3.56 -11.19 -8.68
CA VAL A 263 3.71 -10.93 -7.23
C VAL A 263 5.04 -11.56 -6.79
N ARG A 264 6.09 -10.76 -6.76
CA ARG A 264 7.51 -11.20 -6.63
C ARG A 264 7.86 -11.45 -5.16
N ILE A 265 8.72 -12.46 -4.94
CA ILE A 265 9.14 -12.91 -3.57
C ILE A 265 10.65 -12.74 -3.42
N LEU A 266 11.11 -12.24 -2.28
CA LEU A 266 12.55 -12.12 -1.99
C LEU A 266 13.05 -13.53 -1.70
N LEU A 267 13.87 -14.09 -2.59
CA LEU A 267 14.24 -15.53 -2.54
C LEU A 267 15.14 -15.82 -1.35
N PRO A 268 15.07 -17.02 -0.73
CA PRO A 268 14.17 -18.09 -1.17
C PRO A 268 12.71 -18.02 -0.68
N THR A 269 11.79 -18.69 -1.35
CA THR A 269 10.37 -18.76 -0.89
C THR A 269 10.24 -19.60 0.39
N THR A 270 9.13 -19.41 1.11
CA THR A 270 8.70 -20.23 2.28
C THR A 270 7.22 -20.55 2.09
N ALA A 271 6.64 -21.47 2.87
CA ALA A 271 5.19 -21.73 2.81
C ALA A 271 4.42 -20.43 3.11
N THR A 272 4.94 -19.57 3.98
CA THR A 272 4.29 -18.31 4.38
C THR A 272 4.22 -17.34 3.17
N THR A 273 5.32 -17.15 2.44
CA THR A 273 5.32 -16.17 1.33
C THR A 273 4.54 -16.74 0.14
N LEU A 274 4.54 -18.05 -0.09
CA LEU A 274 3.68 -18.68 -1.16
C LEU A 274 2.19 -18.49 -0.80
N ALA A 275 1.77 -18.63 0.46
CA ALA A 275 0.40 -18.37 0.93
C ALA A 275 0.02 -16.88 0.80
N GLN A 276 0.90 -15.95 1.18
CA GLN A 276 0.64 -14.50 0.99
C GLN A 276 0.52 -14.21 -0.52
N GLN A 277 1.36 -14.80 -1.37
CA GLN A 277 1.28 -14.60 -2.85
C GLN A 277 -0.11 -15.02 -3.34
N SER A 278 -0.61 -16.16 -2.85
CA SER A 278 -1.98 -16.66 -3.22
C SER A 278 -3.06 -15.64 -2.81
N SER A 279 -3.03 -15.11 -1.58
CA SER A 279 -4.02 -14.11 -1.10
C SER A 279 -3.94 -12.82 -1.94
N ASP A 280 -2.73 -12.39 -2.30
CA ASP A 280 -2.47 -11.18 -3.16
C ASP A 280 -3.11 -11.34 -4.56
N PHE A 281 -2.84 -12.42 -5.27
CA PHE A 281 -3.45 -12.70 -6.60
C PHE A 281 -4.98 -12.86 -6.45
N GLN A 282 -5.46 -13.46 -5.34
CA GLN A 282 -6.91 -13.60 -5.07
C GLN A 282 -7.60 -12.24 -4.97
N ALA A 283 -7.06 -11.27 -4.20
CA ALA A 283 -7.62 -9.92 -4.07
C ALA A 283 -7.70 -9.17 -5.42
N LEU A 284 -6.61 -9.22 -6.20
CA LEU A 284 -6.50 -8.56 -7.53
C LEU A 284 -7.60 -9.10 -8.48
N VAL A 285 -7.74 -10.40 -8.65
CA VAL A 285 -8.76 -10.92 -9.63
C VAL A 285 -10.20 -10.68 -9.10
N GLN A 286 -10.43 -10.74 -7.79
CA GLN A 286 -11.76 -10.46 -7.20
C GLN A 286 -12.15 -9.00 -7.45
N SER A 287 -11.20 -8.07 -7.36
CA SER A 287 -11.48 -6.64 -7.61
C SER A 287 -11.98 -6.42 -9.04
N CYS A 288 -11.41 -7.14 -10.02
CA CYS A 288 -11.82 -7.11 -11.45
C CYS A 288 -13.22 -7.75 -11.60
N VAL A 289 -13.46 -8.90 -10.97
CA VAL A 289 -14.81 -9.55 -11.01
C VAL A 289 -15.84 -8.54 -10.48
N GLN A 290 -15.55 -7.82 -9.40
CA GLN A 290 -16.55 -6.95 -8.72
C GLN A 290 -16.77 -5.62 -9.45
N THR A 291 -15.88 -5.18 -10.35
CA THR A 291 -15.96 -3.85 -11.00
C THR A 291 -16.61 -3.99 -12.38
N THR A 292 -17.76 -3.35 -12.58
CA THR A 292 -18.37 -3.19 -13.93
C THR A 292 -17.43 -2.36 -14.81
N GLY A 293 -17.08 -2.88 -15.98
CA GLY A 293 -16.11 -2.20 -16.86
C GLY A 293 -14.66 -2.69 -16.69
N CYS A 294 -14.34 -3.50 -15.68
CA CYS A 294 -13.04 -4.27 -15.69
C CYS A 294 -13.25 -5.54 -16.56
N VAL A 295 -12.52 -5.67 -17.67
CA VAL A 295 -12.87 -6.65 -18.76
C VAL A 295 -11.98 -7.89 -18.74
N GLY A 296 -10.89 -7.89 -17.99
CA GLY A 296 -9.93 -9.01 -18.04
C GLY A 296 -8.65 -8.86 -17.25
N PHE A 297 -7.90 -9.97 -17.20
CA PHE A 297 -6.74 -10.18 -16.33
C PHE A 297 -5.66 -10.90 -17.16
N THR A 298 -4.50 -10.27 -17.30
CA THR A 298 -3.29 -10.87 -17.92
C THR A 298 -2.15 -10.98 -16.91
N ILE A 299 -1.54 -12.16 -16.79
CA ILE A 299 -0.26 -12.39 -16.06
C ILE A 299 0.94 -12.23 -17.01
N TRP A 300 2.07 -11.67 -16.52
CA TRP A 300 3.27 -11.42 -17.34
C TRP A 300 4.12 -12.70 -17.51
N ASP A 301 3.67 -13.56 -18.43
CA ASP A 301 4.02 -14.99 -18.59
C ASP A 301 3.35 -15.76 -17.44
N TRP A 302 3.40 -17.09 -17.46
CA TRP A 302 2.59 -17.94 -16.53
C TRP A 302 3.46 -18.88 -15.66
N THR A 303 4.74 -19.07 -16.00
CA THR A 303 5.71 -19.95 -15.28
C THR A 303 6.96 -19.17 -14.87
N ASP A 304 7.39 -19.37 -13.63
CA ASP A 304 8.66 -18.84 -13.05
C ASP A 304 9.85 -19.16 -13.98
N LYS A 305 9.80 -20.22 -14.78
CA LYS A 305 10.90 -20.58 -15.73
C LYS A 305 11.21 -19.37 -16.65
N TYR A 306 10.20 -18.60 -17.09
CA TYR A 306 10.38 -17.53 -18.13
C TYR A 306 9.99 -16.12 -17.62
N SER A 307 9.96 -15.89 -16.30
CA SER A 307 9.58 -14.59 -15.68
C SER A 307 10.71 -13.58 -15.88
N TRP A 308 10.36 -12.36 -16.29
CA TRP A 308 11.26 -11.19 -16.38
C TRP A 308 11.80 -10.77 -15.00
N VAL A 309 11.23 -11.25 -13.87
CA VAL A 309 11.49 -10.62 -12.54
C VAL A 309 12.95 -10.75 -12.11
N PRO A 310 13.60 -11.95 -12.10
CA PRO A 310 14.96 -12.04 -11.60
C PRO A 310 15.99 -11.15 -12.31
N SER A 311 15.84 -10.93 -13.61
CA SER A 311 16.77 -10.06 -14.36
C SER A 311 16.50 -8.55 -14.13
N THR A 312 15.42 -8.17 -13.42
CA THR A 312 15.03 -6.75 -13.20
C THR A 312 15.10 -6.35 -11.71
N PHE A 313 14.58 -7.17 -10.80
CA PHE A 313 14.44 -6.90 -9.34
C PHE A 313 15.44 -7.80 -8.59
N SER A 314 16.61 -7.27 -8.25
CA SER A 314 17.78 -8.08 -7.80
C SER A 314 17.41 -8.88 -6.56
N GLY A 315 17.49 -10.21 -6.64
CA GLY A 315 17.26 -11.13 -5.49
C GLY A 315 15.81 -11.62 -5.39
N TYR A 316 14.92 -11.19 -6.29
CA TYR A 316 13.46 -11.48 -6.29
C TYR A 316 13.19 -12.49 -7.40
N GLY A 317 12.10 -13.24 -7.23
CA GLY A 317 11.67 -14.28 -8.19
C GLY A 317 10.39 -14.97 -7.78
N ALA A 318 10.17 -16.15 -8.36
CA ALA A 318 9.00 -16.99 -8.07
C ALA A 318 7.69 -16.20 -8.05
N ALA A 319 7.44 -15.34 -9.06
CA ALA A 319 6.37 -14.32 -9.04
C ALA A 319 5.03 -14.79 -9.65
N LEU A 320 4.95 -16.02 -10.16
CA LEU A 320 3.86 -16.45 -11.06
C LEU A 320 3.13 -17.68 -10.52
N PRO A 321 1.95 -18.05 -11.08
CA PRO A 321 1.17 -19.17 -10.52
C PRO A 321 1.63 -20.62 -10.81
N TRP A 322 2.61 -20.82 -11.70
CA TRP A 322 3.28 -22.12 -12.00
C TRP A 322 4.78 -21.99 -11.72
N ASP A 323 5.41 -23.02 -11.14
CA ASP A 323 6.87 -23.00 -10.83
C ASP A 323 7.68 -23.35 -12.08
N GLU A 324 9.01 -23.37 -11.96
CA GLU A 324 9.92 -23.51 -13.11
C GLU A 324 9.82 -24.91 -13.73
N ASN A 325 9.13 -25.87 -13.08
CA ASN A 325 8.92 -27.25 -13.59
C ASN A 325 7.56 -27.32 -14.26
N LEU A 326 6.91 -26.16 -14.44
CA LEU A 326 5.54 -26.05 -14.98
C LEU A 326 4.51 -26.75 -14.08
N VAL A 327 4.71 -26.76 -12.76
CA VAL A 327 3.72 -27.31 -11.79
C VAL A 327 2.99 -26.18 -11.07
N LYS A 328 1.70 -26.33 -10.84
CA LYS A 328 0.85 -25.30 -10.19
C LYS A 328 1.33 -25.00 -8.77
N LYS A 329 1.36 -23.72 -8.39
CA LYS A 329 1.69 -23.24 -7.03
C LYS A 329 0.39 -22.91 -6.31
N PRO A 330 0.39 -22.61 -4.99
CA PRO A 330 -0.83 -22.19 -4.28
C PRO A 330 -1.63 -21.04 -4.93
N ALA A 331 -0.95 -20.10 -5.59
CA ALA A 331 -1.56 -18.95 -6.29
C ALA A 331 -2.53 -19.37 -7.40
N TYR A 332 -2.35 -20.50 -8.07
CA TYR A 332 -3.30 -21.01 -9.08
C TYR A 332 -4.68 -21.16 -8.42
N ASN A 333 -4.76 -21.82 -7.26
CA ASN A 333 -6.05 -21.97 -6.52
C ASN A 333 -6.55 -20.64 -5.94
N GLY A 334 -5.66 -19.74 -5.52
CA GLY A 334 -6.06 -18.39 -5.09
C GLY A 334 -6.81 -17.66 -6.20
N LEU A 335 -6.31 -17.71 -7.44
CA LEU A 335 -6.99 -17.07 -8.61
C LEU A 335 -8.38 -17.69 -8.81
N LEU A 336 -8.48 -19.02 -8.74
CA LEU A 336 -9.80 -19.73 -8.84
C LEU A 336 -10.71 -19.27 -7.70
N ALA A 337 -10.21 -19.14 -6.46
CA ALA A 337 -11.03 -18.70 -5.30
C ALA A 337 -11.53 -17.27 -5.54
N GLY A 338 -10.68 -16.38 -6.07
CA GLY A 338 -11.09 -15.01 -6.44
C GLY A 338 -12.11 -14.94 -7.55
N MET A 339 -12.25 -16.00 -8.35
CA MET A 339 -13.33 -16.06 -9.37
C MET A 339 -14.48 -17.00 -8.91
N GLY A 340 -14.61 -17.21 -7.59
CA GLY A 340 -15.78 -17.87 -6.97
C GLY A 340 -15.79 -19.38 -7.16
N VAL A 341 -14.65 -20.03 -7.44
CA VAL A 341 -14.57 -21.51 -7.59
C VAL A 341 -14.02 -22.11 -6.30
N THR A 342 -14.66 -23.18 -5.79
CA THR A 342 -14.23 -24.01 -4.61
C THR A 342 -13.18 -25.06 -5.02
N VAL A 343 -11.95 -25.00 -4.49
CA VAL A 343 -10.79 -25.86 -4.90
C VAL A 343 -10.02 -26.27 -3.64
N VAL B 23 12.02 -7.07 39.87
CA VAL B 23 12.24 -6.45 38.53
C VAL B 23 10.94 -5.74 38.12
N GLY B 24 11.03 -4.58 37.47
CA GLY B 24 9.87 -3.86 36.92
C GLY B 24 9.70 -4.14 35.42
N LEU B 25 8.63 -3.61 34.83
CA LEU B 25 8.18 -3.94 33.43
C LEU B 25 9.28 -3.50 32.45
N ASP B 26 9.82 -2.28 32.60
CA ASP B 26 10.85 -1.73 31.68
C ASP B 26 12.15 -2.54 31.83
N GLN B 27 12.52 -2.94 33.05
CA GLN B 27 13.76 -3.75 33.28
C GLN B 27 13.60 -5.09 32.55
N ALA B 28 12.44 -5.75 32.70
CA ALA B 28 12.15 -7.03 32.04
C ALA B 28 12.21 -6.88 30.51
N ALA B 29 11.71 -5.76 29.97
CA ALA B 29 11.58 -5.53 28.51
C ALA B 29 12.97 -5.43 27.89
N VAL B 30 13.81 -4.60 28.49
CA VAL B 30 15.19 -4.33 28.01
C VAL B 30 16.00 -5.63 28.14
N ALA B 31 15.77 -6.46 29.16
CA ALA B 31 16.55 -7.72 29.31
C ALA B 31 16.25 -8.67 28.14
N LYS B 32 15.08 -8.52 27.49
CA LYS B 32 14.56 -9.40 26.39
C LYS B 32 14.74 -8.75 25.02
N GLY B 33 15.40 -7.60 24.96
CA GLY B 33 15.86 -6.95 23.72
C GLY B 33 14.92 -5.87 23.22
N LEU B 34 13.87 -5.53 23.98
CA LEU B 34 13.03 -4.35 23.63
C LEU B 34 13.76 -3.07 24.01
N GLN B 35 13.40 -1.96 23.36
N GLN B 35 13.40 -1.96 23.36
CA GLN B 35 13.93 -0.60 23.69
CA GLN B 35 13.91 -0.60 23.69
C GLN B 35 13.26 -0.04 24.95
C GLN B 35 13.26 -0.08 24.99
N TYR B 36 11.99 -0.38 25.24
CA TYR B 36 11.19 0.20 26.35
C TYR B 36 9.89 -0.57 26.59
N PHE B 37 9.39 -0.42 27.81
CA PHE B 37 7.98 -0.55 28.25
C PHE B 37 7.59 0.84 28.76
N GLY B 38 6.43 1.36 28.37
CA GLY B 38 6.04 2.74 28.73
C GLY B 38 4.55 2.94 28.86
N THR B 39 4.13 4.20 29.06
CA THR B 39 2.72 4.58 29.31
C THR B 39 2.41 5.95 28.70
N ALA B 40 1.13 6.16 28.35
CA ALA B 40 0.55 7.49 28.11
C ALA B 40 0.26 8.16 29.46
N THR B 41 0.10 9.47 29.45
CA THR B 41 -0.39 10.27 30.60
C THR B 41 -1.06 11.51 30.04
N ASP B 42 -1.52 12.40 30.93
CA ASP B 42 -2.13 13.69 30.50
C ASP B 42 -1.94 14.73 31.61
N ASN B 43 -1.97 16.00 31.24
CA ASN B 43 -1.60 17.14 32.15
C ASN B 43 -2.50 17.19 33.40
N PRO B 44 -3.83 16.95 33.35
CA PRO B 44 -4.67 16.99 34.56
C PRO B 44 -4.24 15.99 35.65
N GLU B 45 -3.55 14.92 35.27
CA GLU B 45 -3.11 13.87 36.22
C GLU B 45 -1.89 14.31 37.07
N LEU B 46 -1.23 15.42 36.75
CA LEU B 46 0.05 15.81 37.40
C LEU B 46 -0.22 16.41 38.79
N THR B 47 -1.47 16.62 39.19
CA THR B 47 -1.81 17.15 40.56
C THR B 47 -2.11 15.97 41.52
N ASP B 48 -1.99 14.72 41.06
CA ASP B 48 -2.22 13.50 41.87
C ASP B 48 -0.85 12.96 42.27
N ILE B 49 -0.36 13.29 43.48
CA ILE B 49 1.08 13.02 43.79
C ILE B 49 1.37 11.52 43.87
N PRO B 50 0.52 10.65 44.49
CA PRO B 50 0.70 9.19 44.39
C PRO B 50 0.77 8.64 42.94
N TYR B 51 -0.02 9.23 42.03
CA TYR B 51 0.01 8.93 40.57
C TYR B 51 1.38 9.32 39.98
N VAL B 52 1.84 10.56 40.22
CA VAL B 52 3.12 11.03 39.61
C VAL B 52 4.31 10.24 40.19
N THR B 53 4.28 9.85 41.47
CA THR B 53 5.36 9.03 42.10
C THR B 53 5.59 7.75 41.27
N GLN B 54 4.54 7.06 40.84
CA GLN B 54 4.63 5.79 40.06
C GLN B 54 4.89 6.10 38.58
N LEU B 55 4.37 7.22 38.03
CA LEU B 55 4.68 7.63 36.62
C LEU B 55 6.20 7.81 36.49
N ASN B 56 6.84 8.35 37.55
CA ASN B 56 8.30 8.59 37.62
C ASN B 56 9.13 7.35 37.94
N ASN B 57 8.53 6.18 38.12
CA ASN B 57 9.24 4.92 38.48
C ASN B 57 9.83 4.31 37.22
N THR B 58 11.10 4.60 36.93
CA THR B 58 11.78 4.19 35.67
C THR B 58 12.09 2.70 35.71
N ALA B 59 11.87 2.00 36.83
CA ALA B 59 11.92 0.50 36.87
C ALA B 59 10.74 -0.06 36.04
N ASP B 60 9.59 0.62 36.06
CA ASP B 60 8.38 0.13 35.35
C ASP B 60 8.26 0.84 34.00
N PHE B 61 8.50 2.16 33.93
CA PHE B 61 8.21 2.95 32.72
C PHE B 61 9.50 3.60 32.19
N GLY B 62 9.97 3.15 31.03
CA GLY B 62 11.10 3.76 30.31
C GLY B 62 10.69 4.71 29.19
N GLN B 63 9.40 5.00 29.05
CA GLN B 63 8.83 5.76 27.88
C GLN B 63 7.48 6.39 28.26
N ILE B 64 7.21 7.57 27.70
CA ILE B 64 6.01 8.40 27.94
C ILE B 64 5.39 8.82 26.59
N THR B 65 4.06 8.84 26.50
CA THR B 65 3.29 9.43 25.38
C THR B 65 2.38 10.51 25.98
N PRO B 66 2.43 11.77 25.49
CA PRO B 66 1.41 12.75 25.83
C PRO B 66 0.08 12.31 25.21
N GLY B 67 -0.97 12.13 26.03
CA GLY B 67 -2.22 11.56 25.51
C GLY B 67 -3.10 12.58 24.78
N ASN B 68 -2.95 13.87 25.04
CA ASN B 68 -3.78 14.92 24.37
C ASN B 68 -3.02 16.19 23.96
N SER B 69 -1.96 16.59 24.66
CA SER B 69 -1.47 17.99 24.58
C SER B 69 -0.52 18.22 23.40
N MET B 70 -0.31 17.25 22.50
CA MET B 70 0.40 17.50 21.21
C MET B 70 -0.52 17.34 20.00
N LYS B 71 -1.83 17.12 20.18
CA LYS B 71 -2.84 17.05 19.08
C LYS B 71 -3.12 18.47 18.51
N TRP B 72 -3.76 18.51 17.34
CA TRP B 72 -3.93 19.74 16.54
C TRP B 72 -4.74 20.78 17.32
N ASP B 73 -5.81 20.37 18.00
CA ASP B 73 -6.67 21.35 18.74
C ASP B 73 -5.88 21.98 19.89
N ALA B 74 -4.93 21.26 20.50
CA ALA B 74 -4.11 21.71 21.64
C ALA B 74 -2.95 22.60 21.15
N THR B 75 -2.43 22.39 19.93
CA THR B 75 -1.15 23.06 19.47
C THR B 75 -1.40 24.23 18.48
N GLU B 76 -2.48 24.21 17.71
CA GLU B 76 -2.77 25.30 16.72
C GLU B 76 -4.24 25.66 16.82
N PRO B 77 -4.66 26.31 17.94
CA PRO B 77 -6.08 26.58 18.20
C PRO B 77 -6.71 27.64 17.26
N SER B 78 -5.91 28.51 16.65
CA SER B 78 -6.31 29.35 15.49
C SER B 78 -5.25 29.29 14.39
N GLN B 79 -5.63 29.56 13.13
CA GLN B 79 -4.72 29.32 11.98
C GLN B 79 -3.46 30.17 12.16
N GLY B 80 -2.29 29.53 12.26
CA GLY B 80 -0.97 30.19 12.37
C GLY B 80 -0.63 30.67 13.78
N THR B 81 -1.42 30.36 14.82
CA THR B 81 -1.06 30.66 16.25
C THR B 81 -0.79 29.33 16.96
N PHE B 82 0.44 29.12 17.42
CA PHE B 82 0.87 27.85 18.07
C PHE B 82 1.01 28.05 19.59
N THR B 83 0.59 27.06 20.38
CA THR B 83 0.55 27.07 21.88
C THR B 83 1.11 25.75 22.39
N PHE B 84 2.31 25.75 22.96
CA PHE B 84 3.05 24.52 23.30
C PHE B 84 3.14 24.30 24.81
N THR B 85 2.60 25.15 25.68
CA THR B 85 2.86 24.98 27.16
C THR B 85 2.50 23.56 27.66
N LYS B 86 1.32 23.01 27.32
CA LYS B 86 0.89 21.71 27.90
C LYS B 86 1.77 20.58 27.35
N GLY B 87 2.12 20.66 26.07
CA GLY B 87 2.94 19.62 25.39
C GLY B 87 4.33 19.60 25.98
N ASP B 88 4.89 20.80 26.24
CA ASP B 88 6.25 20.98 26.79
C ASP B 88 6.33 20.45 28.23
N VAL B 89 5.27 20.58 29.02
CA VAL B 89 5.29 20.02 30.41
C VAL B 89 5.51 18.50 30.34
N ILE B 90 4.82 17.77 29.44
CA ILE B 90 4.98 16.31 29.35
C ILE B 90 6.37 15.99 28.80
N ALA B 91 6.84 16.73 27.79
CA ALA B 91 8.15 16.49 27.15
C ALA B 91 9.29 16.64 28.20
N ASP B 92 9.19 17.65 29.05
CA ASP B 92 10.20 18.01 30.09
C ASP B 92 10.15 16.99 31.25
N LEU B 93 8.98 16.40 31.57
CA LEU B 93 8.88 15.29 32.57
C LEU B 93 9.67 14.09 32.04
N ALA B 94 9.46 13.68 30.76
CA ALA B 94 10.21 12.55 30.16
C ALA B 94 11.71 12.86 30.21
N GLU B 95 12.11 14.05 29.79
CA GLU B 95 13.56 14.41 29.73
C GLU B 95 14.12 14.40 31.17
N GLY B 96 13.39 14.96 32.14
CA GLY B 96 13.80 14.96 33.56
C GLY B 96 14.03 13.57 34.10
N ASN B 97 13.24 12.59 33.70
CA ASN B 97 13.36 11.19 34.19
C ASN B 97 14.33 10.35 33.36
N GLY B 98 14.79 10.79 32.18
CA GLY B 98 15.57 9.96 31.23
C GLY B 98 14.69 8.95 30.48
N GLN B 99 13.40 9.24 30.32
CA GLN B 99 12.42 8.32 29.66
C GLN B 99 12.43 8.70 28.16
N TYR B 100 12.26 7.74 27.23
CA TYR B 100 11.97 8.08 25.80
C TYR B 100 10.62 8.81 25.70
N LEU B 101 10.47 9.67 24.70
CA LEU B 101 9.19 10.35 24.38
C LEU B 101 8.64 9.85 23.03
N ARG B 102 7.40 9.33 22.98
CA ARG B 102 6.68 9.12 21.68
C ARG B 102 5.76 10.33 21.46
N CYS B 103 6.03 11.16 20.44
CA CYS B 103 5.20 12.34 20.11
C CYS B 103 3.95 11.89 19.29
N HIS B 104 2.78 12.42 19.63
CA HIS B 104 1.46 11.88 19.20
C HIS B 104 0.49 13.05 19.19
N THR B 105 -0.27 13.35 18.10
CA THR B 105 -0.17 12.82 16.76
C THR B 105 -0.42 14.00 15.80
N LEU B 106 0.14 14.02 14.59
CA LEU B 106 0.07 15.21 13.71
C LEU B 106 -1.20 15.25 12.85
N VAL B 107 -1.69 14.14 12.28
CA VAL B 107 -2.82 14.13 11.30
C VAL B 107 -3.84 13.05 11.67
N TRP B 108 -5.04 13.45 12.07
CA TRP B 108 -6.14 12.56 12.56
C TRP B 108 -7.50 13.24 12.30
N TYR B 109 -8.57 12.46 12.05
CA TYR B 109 -9.96 12.99 11.91
C TYR B 109 -10.43 13.65 13.23
N ASN B 110 -9.91 13.22 14.38
CA ASN B 110 -10.45 13.53 15.75
C ASN B 110 -9.61 14.65 16.34
N GLN B 111 -10.20 15.48 17.21
CA GLN B 111 -9.52 16.57 17.96
C GLN B 111 -8.87 17.55 16.98
N LEU B 112 -9.54 17.82 15.86
CA LEU B 112 -9.20 18.99 14.98
C LEU B 112 -9.96 20.22 15.47
N PRO B 113 -9.37 21.43 15.41
CA PRO B 113 -10.11 22.65 15.72
C PRO B 113 -11.12 23.01 14.62
N SER B 114 -12.11 23.84 15.00
N SER B 114 -12.12 23.83 14.98
CA SER B 114 -13.24 24.24 14.11
CA SER B 114 -13.26 24.21 14.09
C SER B 114 -12.72 24.95 12.85
C SER B 114 -12.72 24.95 12.84
N TRP B 115 -11.63 25.71 12.94
CA TRP B 115 -11.10 26.47 11.76
C TRP B 115 -10.64 25.51 10.64
N VAL B 116 -10.25 24.26 10.97
CA VAL B 116 -9.96 23.20 9.96
C VAL B 116 -11.28 22.60 9.45
N THR B 117 -12.12 22.06 10.33
CA THR B 117 -13.27 21.20 9.94
C THR B 117 -14.39 22.05 9.31
N SER B 118 -14.52 23.31 9.71
CA SER B 118 -15.53 24.28 9.17
C SER B 118 -14.91 25.20 8.12
N GLY B 119 -13.65 25.03 7.74
CA GLY B 119 -12.96 25.96 6.83
C GLY B 119 -13.41 25.81 5.38
N THR B 120 -13.09 26.79 4.53
CA THR B 120 -13.36 26.74 3.06
C THR B 120 -12.00 26.52 2.37
N TRP B 121 -11.77 25.30 1.88
CA TRP B 121 -10.43 24.84 1.43
C TRP B 121 -10.44 24.52 -0.06
N THR B 122 -9.31 24.68 -0.73
CA THR B 122 -8.93 23.97 -1.99
C THR B 122 -7.82 22.95 -1.65
N ASN B 123 -7.52 22.04 -2.58
CA ASN B 123 -6.34 21.16 -2.54
C ASN B 123 -5.11 21.98 -2.12
N ALA B 124 -4.82 23.05 -2.83
CA ALA B 124 -3.64 23.90 -2.57
C ALA B 124 -3.66 24.53 -1.16
N THR B 125 -4.78 25.13 -0.72
CA THR B 125 -4.81 25.90 0.55
C THR B 125 -4.76 24.92 1.74
N LEU B 126 -5.39 23.74 1.67
CA LEU B 126 -5.33 22.81 2.83
C LEU B 126 -3.96 22.13 2.84
N THR B 127 -3.36 21.80 1.68
CA THR B 127 -1.99 21.22 1.60
C THR B 127 -1.03 22.19 2.31
N ALA B 128 -1.15 23.49 2.05
CA ALA B 128 -0.24 24.49 2.64
C ALA B 128 -0.45 24.56 4.18
N ALA B 129 -1.70 24.59 4.65
CA ALA B 129 -2.04 24.64 6.09
C ALA B 129 -1.56 23.36 6.83
N LEU B 130 -1.71 22.18 6.22
CA LEU B 130 -1.22 20.86 6.71
C LEU B 130 0.31 20.89 6.83
N LYS B 131 1.03 21.25 5.77
CA LYS B 131 2.51 21.36 5.81
C LYS B 131 2.94 22.40 6.87
N ASN B 132 2.26 23.54 6.99
CA ASN B 132 2.63 24.58 7.98
C ASN B 132 2.43 24.03 9.41
N HIS B 133 1.32 23.34 9.69
CA HIS B 133 1.07 22.68 11.00
C HIS B 133 2.24 21.74 11.38
N ILE B 134 2.56 20.79 10.49
CA ILE B 134 3.63 19.77 10.76
C ILE B 134 4.96 20.49 10.98
N THR B 135 5.33 21.42 10.11
CA THR B 135 6.66 22.08 10.19
C THR B 135 6.81 22.75 11.56
N ASN B 136 5.81 23.48 12.03
CA ASN B 136 5.91 24.26 13.31
C ASN B 136 5.98 23.29 14.51
N VAL B 137 5.10 22.29 14.54
CA VAL B 137 5.00 21.36 15.70
C VAL B 137 6.26 20.50 15.75
N VAL B 138 6.68 19.89 14.64
CA VAL B 138 7.84 18.96 14.61
C VAL B 138 9.13 19.77 14.93
N SER B 139 9.26 20.96 14.36
CA SER B 139 10.41 21.86 14.62
C SER B 139 10.52 22.20 16.12
N HIS B 140 9.41 22.47 16.77
CA HIS B 140 9.41 22.83 18.21
C HIS B 140 9.99 21.68 19.06
N TYR B 141 9.70 20.40 18.74
CA TYR B 141 10.18 19.22 19.50
C TYR B 141 11.42 18.60 18.85
N LYS B 142 12.09 19.31 17.93
CA LYS B 142 13.20 18.70 17.14
C LYS B 142 14.21 18.06 18.11
N GLY B 143 14.53 16.78 17.92
CA GLY B 143 15.56 16.02 18.67
C GLY B 143 15.08 15.45 20.01
N LYS B 144 13.85 15.72 20.43
CA LYS B 144 13.24 15.24 21.72
C LYS B 144 12.45 13.94 21.49
N CYS B 145 11.99 13.69 20.28
CA CYS B 145 10.96 12.65 19.96
C CYS B 145 11.65 11.38 19.42
N LEU B 146 11.60 10.23 20.11
CA LEU B 146 12.12 8.97 19.56
C LEU B 146 11.28 8.59 18.31
N HIS B 147 9.95 8.67 18.40
CA HIS B 147 8.98 8.34 17.32
C HIS B 147 8.01 9.52 17.21
N TRP B 148 7.50 9.81 16.01
CA TRP B 148 6.25 10.58 15.77
C TRP B 148 5.19 9.62 15.21
N ASP B 149 3.98 9.60 15.76
CA ASP B 149 2.74 9.11 15.09
C ASP B 149 2.28 10.22 14.13
N VAL B 150 2.77 10.13 12.90
CA VAL B 150 2.60 11.18 11.86
C VAL B 150 1.15 11.18 11.36
N VAL B 151 0.66 10.04 10.87
CA VAL B 151 -0.74 9.84 10.43
C VAL B 151 -1.38 8.76 11.30
N ASN B 152 -2.57 9.06 11.83
CA ASN B 152 -3.35 8.23 12.80
C ASN B 152 -4.66 7.79 12.14
N GLU B 153 -5.00 6.49 12.17
CA GLU B 153 -6.35 5.95 11.84
C GLU B 153 -6.86 6.48 10.50
N ALA B 154 -6.16 6.21 9.39
CA ALA B 154 -6.53 6.68 8.05
C ALA B 154 -7.42 5.66 7.33
N LEU B 155 -7.71 4.52 7.94
CA LEU B 155 -8.41 3.38 7.25
C LEU B 155 -9.79 3.02 7.85
N ASN B 156 -10.74 2.70 6.96
CA ASN B 156 -12.04 2.03 7.31
C ASN B 156 -11.80 0.55 7.63
N ASP B 157 -12.77 -0.14 8.26
CA ASP B 157 -12.64 -1.57 8.63
C ASP B 157 -12.33 -2.46 7.41
N ASP B 158 -12.89 -2.14 6.24
CA ASP B 158 -12.69 -2.90 4.98
C ASP B 158 -11.41 -2.49 4.22
N GLY B 159 -10.57 -1.61 4.78
CA GLY B 159 -9.28 -1.25 4.12
C GLY B 159 -9.40 -0.13 3.09
N THR B 160 -10.57 0.50 2.90
CA THR B 160 -10.71 1.75 2.13
C THR B 160 -10.26 2.91 3.01
N TYR B 161 -10.02 4.09 2.44
CA TYR B 161 -9.60 5.30 3.19
C TYR B 161 -10.77 5.90 3.98
N ARG B 162 -10.54 6.18 5.28
CA ARG B 162 -11.48 7.02 6.09
C ARG B 162 -11.68 8.39 5.43
N THR B 163 -12.96 8.82 5.25
CA THR B 163 -13.29 10.00 4.41
C THR B 163 -13.33 11.32 5.21
N ASN B 164 -12.24 11.68 5.87
CA ASN B 164 -12.01 12.93 6.65
C ASN B 164 -11.75 14.09 5.69
N ILE B 165 -11.57 15.31 6.22
CA ILE B 165 -11.40 16.55 5.39
C ILE B 165 -10.10 16.49 4.55
N PHE B 166 -9.04 15.84 5.02
CA PHE B 166 -7.78 15.75 4.22
C PHE B 166 -8.05 14.82 3.03
N TYR B 167 -8.72 13.72 3.25
CA TYR B 167 -9.03 12.75 2.17
C TYR B 167 -9.95 13.42 1.11
N THR B 168 -11.02 14.09 1.53
CA THR B 168 -12.02 14.63 0.58
C THR B 168 -11.45 15.82 -0.18
N THR B 169 -10.45 16.54 0.38
CA THR B 169 -9.90 17.78 -0.23
C THR B 169 -8.65 17.46 -1.06
N ILE B 170 -7.75 16.62 -0.52
CA ILE B 170 -6.41 16.31 -1.10
C ILE B 170 -6.41 14.92 -1.73
N GLY B 171 -7.21 13.98 -1.23
CA GLY B 171 -7.04 12.56 -1.56
C GLY B 171 -5.94 11.91 -0.74
N GLU B 172 -5.68 10.64 -0.95
CA GLU B 172 -4.70 9.87 -0.12
C GLU B 172 -3.27 10.41 -0.29
N ALA B 173 -2.98 11.29 -1.27
CA ALA B 173 -1.66 11.94 -1.34
C ALA B 173 -1.39 12.71 -0.04
N TYR B 174 -2.39 12.99 0.80
CA TYR B 174 -2.13 13.75 2.07
C TYR B 174 -1.18 12.95 2.99
N ILE B 175 -1.20 11.61 2.89
CA ILE B 175 -0.34 10.72 3.75
C ILE B 175 1.13 10.93 3.39
N PRO B 176 1.63 10.71 2.15
CA PRO B 176 3.03 10.99 1.85
C PRO B 176 3.43 12.47 2.04
N ILE B 177 2.50 13.41 1.79
CA ILE B 177 2.76 14.85 2.05
C ILE B 177 3.11 15.04 3.55
N ALA B 178 2.34 14.45 4.46
CA ALA B 178 2.52 14.56 5.93
C ALA B 178 3.87 13.94 6.31
N PHE B 179 4.20 12.74 5.81
CA PHE B 179 5.50 12.06 6.11
C PHE B 179 6.66 12.97 5.64
N ALA B 180 6.59 13.51 4.42
CA ALA B 180 7.74 14.26 3.85
C ALA B 180 7.96 15.52 4.69
N ALA B 181 6.88 16.18 5.10
CA ALA B 181 7.02 17.43 5.90
C ALA B 181 7.63 17.12 7.26
N ALA B 182 7.27 15.99 7.88
CA ALA B 182 7.79 15.64 9.23
C ALA B 182 9.29 15.33 9.11
N ALA B 183 9.68 14.60 8.07
CA ALA B 183 11.08 14.17 7.85
C ALA B 183 11.99 15.39 7.63
N ALA B 184 11.48 16.42 6.93
CA ALA B 184 12.25 17.66 6.65
C ALA B 184 12.44 18.45 7.95
N ALA B 185 11.46 18.50 8.86
CA ALA B 185 11.58 19.31 10.10
C ALA B 185 12.39 18.60 11.18
N ASP B 186 12.45 17.26 11.21
CA ASP B 186 13.25 16.49 12.21
C ASP B 186 13.72 15.18 11.60
N PRO B 187 14.91 15.15 10.98
CA PRO B 187 15.44 13.95 10.36
C PRO B 187 15.81 12.78 11.31
N ASP B 188 15.91 13.04 12.63
CA ASP B 188 16.30 11.99 13.61
C ASP B 188 15.08 11.26 14.22
N ALA B 189 13.84 11.75 14.06
CA ALA B 189 12.63 11.05 14.59
C ALA B 189 12.29 9.85 13.68
N LYS B 190 11.99 8.70 14.25
CA LYS B 190 11.38 7.57 13.49
C LYS B 190 9.90 7.90 13.21
N LEU B 191 9.45 7.81 11.95
CA LEU B 191 8.10 8.27 11.58
C LEU B 191 7.18 7.04 11.46
N PHE B 192 6.12 7.01 12.27
CA PHE B 192 5.13 5.89 12.29
C PHE B 192 3.79 6.25 11.64
N TYR B 193 3.16 5.24 10.99
CA TYR B 193 1.71 5.18 10.72
C TYR B 193 1.06 4.35 11.85
N ASN B 194 -0.02 4.84 12.47
CA ASN B 194 -0.62 4.22 13.69
C ASN B 194 -2.09 3.87 13.42
N ASP B 195 -2.54 2.68 13.84
CA ASP B 195 -3.97 2.29 13.65
C ASP B 195 -4.35 1.16 14.62
N TYR B 196 -5.67 0.92 14.71
CA TYR B 196 -6.31 -0.11 15.57
C TYR B 196 -6.87 -1.28 14.72
N ASN B 197 -7.01 -2.46 15.36
CA ASN B 197 -7.56 -3.75 14.80
C ASN B 197 -6.62 -4.38 13.72
N LEU B 198 -5.39 -3.88 13.53
CA LEU B 198 -4.46 -4.47 12.55
C LEU B 198 -4.02 -5.86 13.04
N GLU B 199 -4.13 -6.15 14.35
CA GLU B 199 -3.66 -7.41 14.99
C GLU B 199 -4.48 -8.61 14.49
N TYR B 200 -5.65 -8.36 13.93
CA TYR B 200 -6.56 -9.40 13.39
C TYR B 200 -6.21 -9.71 11.92
N GLY B 201 -5.25 -9.02 11.32
CA GLY B 201 -4.86 -9.28 9.91
C GLY B 201 -5.97 -8.94 8.94
N GLY B 202 -6.18 -9.76 7.91
CA GLY B 202 -7.27 -9.56 6.92
C GLY B 202 -7.12 -8.28 6.11
N ALA B 203 -8.26 -7.72 5.71
CA ALA B 203 -8.38 -6.55 4.80
C ALA B 203 -7.67 -5.33 5.37
N LYS B 204 -7.94 -4.98 6.63
CA LYS B 204 -7.37 -3.73 7.17
C LYS B 204 -5.83 -3.80 7.24
N ALA B 205 -5.25 -4.93 7.68
CA ALA B 205 -3.80 -5.11 7.80
C ALA B 205 -3.19 -4.97 6.40
N ALA B 206 -3.84 -5.52 5.37
CA ALA B 206 -3.29 -5.46 4.00
C ALA B 206 -3.21 -4.00 3.52
N SER B 207 -4.26 -3.19 3.74
CA SER B 207 -4.30 -1.78 3.35
C SER B 207 -3.32 -0.96 4.18
N ALA B 208 -2.98 -1.38 5.41
CA ALA B 208 -1.92 -0.68 6.19
C ALA B 208 -0.52 -0.96 5.59
N ARG B 209 -0.26 -2.19 5.16
CA ARG B 209 1.02 -2.56 4.45
C ARG B 209 1.12 -1.74 3.15
N ALA B 210 0.01 -1.62 2.43
CA ALA B 210 -0.06 -0.80 1.18
C ALA B 210 0.21 0.69 1.45
N ILE B 211 -0.15 1.25 2.63
CA ILE B 211 0.21 2.66 3.00
C ILE B 211 1.74 2.79 3.01
N VAL B 212 2.47 1.79 3.52
CA VAL B 212 3.94 1.84 3.58
C VAL B 212 4.43 2.03 2.14
N GLN B 213 3.88 1.26 1.19
CA GLN B 213 4.36 1.31 -0.21
C GLN B 213 3.92 2.62 -0.88
N LEU B 214 2.74 3.14 -0.56
CA LEU B 214 2.26 4.44 -1.12
C LEU B 214 3.29 5.50 -0.75
N VAL B 215 3.75 5.48 0.49
CA VAL B 215 4.71 6.51 1.00
C VAL B 215 6.10 6.30 0.36
N LYS B 216 6.57 5.06 0.29
CA LYS B 216 7.87 4.78 -0.41
C LYS B 216 7.77 5.16 -1.90
N ASN B 217 6.68 4.88 -2.61
CA ASN B 217 6.45 5.32 -4.03
C ASN B 217 6.65 6.83 -4.22
N ALA B 218 6.28 7.67 -3.24
CA ALA B 218 6.43 9.14 -3.28
C ALA B 218 7.87 9.61 -2.97
N GLY B 219 8.77 8.71 -2.57
CA GLY B 219 10.13 9.02 -2.14
C GLY B 219 10.17 9.57 -0.72
N ALA B 220 9.09 9.41 0.05
CA ALA B 220 8.99 9.95 1.42
C ALA B 220 9.44 8.89 2.44
N LYS B 221 9.92 9.33 3.62
CA LYS B 221 10.47 8.45 4.70
C LYS B 221 9.32 7.89 5.55
N ILE B 222 9.31 6.57 5.77
CA ILE B 222 8.45 5.95 6.82
C ILE B 222 9.27 4.85 7.52
N ASP B 223 9.24 4.80 8.86
CA ASP B 223 10.15 3.94 9.65
C ASP B 223 9.40 2.84 10.39
N GLY B 224 8.09 3.01 10.62
CA GLY B 224 7.38 2.14 11.57
C GLY B 224 5.89 2.07 11.35
N VAL B 225 5.28 0.97 11.79
CA VAL B 225 3.81 0.84 11.93
C VAL B 225 3.49 0.58 13.41
N GLY B 226 2.59 1.40 13.95
CA GLY B 226 2.06 1.34 15.32
C GLY B 226 0.79 0.52 15.34
N LEU B 227 0.75 -0.55 16.14
CA LEU B 227 -0.48 -1.36 16.35
C LEU B 227 -1.06 -1.00 17.75
N GLN B 228 -2.24 -0.40 17.79
CA GLN B 228 -2.76 0.26 19.01
C GLN B 228 -2.99 -0.78 20.12
N ALA B 229 -3.42 -1.99 19.74
CA ALA B 229 -3.70 -3.09 20.70
C ALA B 229 -4.78 -2.68 21.72
N HIS B 230 -5.89 -2.08 21.27
CA HIS B 230 -7.16 -2.03 22.04
C HIS B 230 -7.95 -3.33 21.82
N PHE B 231 -8.35 -4.03 22.88
CA PHE B 231 -9.20 -5.24 22.76
C PHE B 231 -10.24 -5.29 23.90
N SER B 232 -11.37 -6.02 23.72
CA SER B 232 -12.13 -6.51 24.90
C SER B 232 -11.59 -7.87 25.34
N VAL B 233 -11.71 -8.18 26.64
CA VAL B 233 -11.09 -9.39 27.24
C VAL B 233 -11.63 -10.65 26.51
N GLY B 234 -10.76 -11.62 26.24
CA GLY B 234 -11.11 -12.92 25.61
C GLY B 234 -11.26 -12.87 24.09
N THR B 235 -10.88 -11.77 23.42
CA THR B 235 -10.95 -11.63 21.93
C THR B 235 -9.56 -11.40 21.30
N VAL B 236 -8.47 -11.67 22.03
CA VAL B 236 -7.08 -11.45 21.55
C VAL B 236 -6.66 -12.71 20.80
N PRO B 237 -6.14 -12.60 19.56
CA PRO B 237 -5.58 -13.77 18.86
C PRO B 237 -4.46 -14.44 19.67
N SER B 238 -4.15 -15.71 19.34
CA SER B 238 -3.07 -16.51 19.97
C SER B 238 -1.73 -15.79 19.79
N THR B 239 -0.74 -16.08 20.63
CA THR B 239 0.63 -15.50 20.49
C THR B 239 1.15 -15.76 19.07
N SER B 240 1.00 -16.96 18.48
CA SER B 240 1.61 -17.23 17.13
C SER B 240 0.90 -16.45 16.01
N SER B 241 -0.40 -16.18 16.17
N SER B 241 -0.40 -16.21 16.15
CA SER B 241 -1.24 -15.38 15.23
CA SER B 241 -1.19 -15.39 15.20
C SER B 241 -0.79 -13.92 15.22
C SER B 241 -0.66 -13.96 15.22
N LEU B 242 -0.52 -13.37 16.41
CA LEU B 242 -0.04 -11.96 16.57
C LEU B 242 1.35 -11.85 15.94
N VAL B 243 2.24 -12.81 16.22
CA VAL B 243 3.62 -12.83 15.66
C VAL B 243 3.56 -12.86 14.12
N SER B 244 2.70 -13.66 13.51
CA SER B 244 2.61 -13.72 12.02
C SER B 244 2.09 -12.38 11.47
N VAL B 245 1.20 -11.67 12.17
CA VAL B 245 0.82 -10.30 11.71
C VAL B 245 2.01 -9.33 11.87
N LEU B 246 2.66 -9.28 13.03
CA LEU B 246 3.83 -8.35 13.20
C LEU B 246 4.89 -8.58 12.09
N GLN B 247 5.20 -9.84 11.81
CA GLN B 247 6.20 -10.27 10.79
C GLN B 247 5.77 -9.84 9.37
N SER B 248 4.47 -9.79 9.06
CA SER B 248 3.97 -9.28 7.74
C SER B 248 4.35 -7.80 7.56
N PHE B 249 4.51 -7.02 8.64
CA PHE B 249 4.95 -5.60 8.62
C PHE B 249 6.48 -5.50 8.61
N THR B 250 7.16 -6.26 9.47
CA THR B 250 8.65 -6.20 9.51
C THR B 250 9.25 -6.67 8.18
N ALA B 251 8.59 -7.56 7.44
CA ALA B 251 9.06 -8.00 6.10
C ALA B 251 9.18 -6.81 5.14
N LEU B 252 8.50 -5.66 5.40
CA LEU B 252 8.54 -4.45 4.54
C LEU B 252 9.73 -3.58 4.95
N GLY B 253 10.51 -3.98 5.95
CA GLY B 253 11.70 -3.26 6.45
C GLY B 253 11.35 -2.10 7.39
N VAL B 254 10.16 -2.12 8.00
CA VAL B 254 9.79 -1.11 9.03
C VAL B 254 9.81 -1.80 10.39
N GLU B 255 10.08 -1.04 11.46
CA GLU B 255 9.86 -1.44 12.86
C GLU B 255 8.36 -1.50 13.14
N VAL B 256 7.98 -2.24 14.19
CA VAL B 256 6.62 -2.19 14.78
C VAL B 256 6.70 -1.90 16.29
N ALA B 257 5.58 -1.50 16.87
CA ALA B 257 5.43 -1.31 18.33
C ALA B 257 3.95 -1.37 18.65
N TYR B 258 3.63 -1.82 19.86
CA TYR B 258 2.27 -1.69 20.40
C TYR B 258 2.15 -0.34 21.11
N THR B 259 1.18 0.52 20.75
CA THR B 259 1.23 1.98 21.10
C THR B 259 0.13 2.44 22.09
N GLU B 260 -1.02 1.78 22.21
CA GLU B 260 -2.16 2.27 23.03
C GLU B 260 -2.87 1.11 23.75
N ALA B 261 -2.11 0.15 24.30
CA ALA B 261 -2.62 -1.17 24.74
C ALA B 261 -3.58 -1.05 25.94
N ASP B 262 -4.73 -1.72 25.84
CA ASP B 262 -5.69 -1.88 26.96
C ASP B 262 -6.61 -3.06 26.63
N VAL B 263 -7.12 -3.74 27.66
CA VAL B 263 -7.99 -4.96 27.53
C VAL B 263 -9.24 -4.73 28.40
N ARG B 264 -10.30 -4.21 27.80
CA ARG B 264 -11.49 -3.73 28.54
C ARG B 264 -12.41 -4.89 28.93
N ILE B 265 -13.07 -4.74 30.08
CA ILE B 265 -13.99 -5.73 30.73
C ILE B 265 -15.39 -5.12 30.86
N LEU B 266 -16.45 -5.92 30.59
CA LEU B 266 -17.86 -5.53 30.88
C LEU B 266 -18.03 -5.58 32.41
N LEU B 267 -18.31 -4.44 33.02
CA LEU B 267 -18.29 -4.31 34.50
C LEU B 267 -19.56 -4.94 35.08
N PRO B 268 -19.49 -5.47 36.33
CA PRO B 268 -18.26 -5.41 37.14
C PRO B 268 -17.28 -6.55 36.84
N THR B 269 -16.00 -6.37 37.15
CA THR B 269 -14.93 -7.42 37.06
C THR B 269 -15.24 -8.59 38.00
N THR B 270 -14.66 -9.78 37.71
CA THR B 270 -14.76 -11.05 38.50
C THR B 270 -13.36 -11.67 38.49
N ALA B 271 -13.10 -12.67 39.33
CA ALA B 271 -11.83 -13.44 39.30
C ALA B 271 -11.57 -13.99 37.89
N THR B 272 -12.61 -14.48 37.23
CA THR B 272 -12.53 -15.06 35.85
C THR B 272 -12.02 -14.00 34.86
N THR B 273 -12.67 -12.85 34.76
CA THR B 273 -12.27 -11.82 33.76
C THR B 273 -10.89 -11.23 34.09
N LEU B 274 -10.45 -11.12 35.36
CA LEU B 274 -9.14 -10.51 35.70
C LEU B 274 -8.02 -11.50 35.35
N ALA B 275 -8.27 -12.81 35.43
CA ALA B 275 -7.28 -13.85 35.06
C ALA B 275 -7.12 -13.88 33.53
N GLN B 276 -8.21 -13.75 32.78
CA GLN B 276 -8.20 -13.76 31.30
C GLN B 276 -7.53 -12.45 30.83
N GLN B 277 -7.81 -11.31 31.47
CA GLN B 277 -7.10 -10.03 31.18
C GLN B 277 -5.60 -10.26 31.29
N SER B 278 -5.15 -10.95 32.34
CA SER B 278 -3.72 -11.27 32.55
C SER B 278 -3.12 -12.09 31.37
N SER B 279 -3.84 -13.12 30.91
N SER B 279 -3.81 -13.12 30.90
CA SER B 279 -3.39 -14.02 29.82
CA SER B 279 -3.27 -13.99 29.81
C SER B 279 -3.32 -13.22 28.51
C SER B 279 -3.30 -13.21 28.49
N ASP B 280 -4.25 -12.29 28.33
CA ASP B 280 -4.36 -11.41 27.13
C ASP B 280 -3.14 -10.47 27.06
N PHE B 281 -2.84 -9.73 28.13
CA PHE B 281 -1.64 -8.86 28.19
C PHE B 281 -0.36 -9.70 27.99
N GLN B 282 -0.28 -10.89 28.61
CA GLN B 282 0.89 -11.80 28.51
C GLN B 282 1.12 -12.21 27.05
N ALA B 283 0.08 -12.63 26.33
CA ALA B 283 0.16 -12.97 24.89
C ALA B 283 0.66 -11.76 24.08
N LEU B 284 0.14 -10.55 24.33
CA LEU B 284 0.52 -9.34 23.54
C LEU B 284 2.01 -9.02 23.73
N VAL B 285 2.52 -8.92 24.96
CA VAL B 285 3.93 -8.51 25.15
C VAL B 285 4.86 -9.66 24.71
N GLN B 286 4.45 -10.93 24.89
CA GLN B 286 5.28 -12.10 24.41
C GLN B 286 5.43 -12.05 22.87
N SER B 287 4.37 -11.65 22.13
CA SER B 287 4.42 -11.53 20.66
C SER B 287 5.47 -10.47 20.28
N CYS B 288 5.59 -9.40 21.06
CA CYS B 288 6.60 -8.34 20.83
C CYS B 288 8.02 -8.90 21.12
N VAL B 289 8.20 -9.58 22.25
CA VAL B 289 9.51 -10.18 22.61
C VAL B 289 9.97 -11.11 21.47
N GLN B 290 9.07 -11.92 20.91
CA GLN B 290 9.45 -12.95 19.92
C GLN B 290 9.72 -12.33 18.54
N THR B 291 9.29 -11.09 18.24
CA THR B 291 9.36 -10.53 16.86
C THR B 291 10.59 -9.62 16.76
N THR B 292 11.58 -9.97 15.93
CA THR B 292 12.73 -9.11 15.61
C THR B 292 12.18 -7.84 14.93
N GLY B 293 12.51 -6.65 15.43
CA GLY B 293 12.01 -5.37 14.86
C GLY B 293 10.73 -4.85 15.54
N CYS B 294 10.11 -5.60 16.48
CA CYS B 294 9.13 -5.05 17.47
C CYS B 294 9.91 -4.41 18.61
N VAL B 295 9.85 -3.08 18.77
CA VAL B 295 10.85 -2.35 19.59
C VAL B 295 10.29 -1.98 20.97
N GLY B 296 8.98 -2.04 21.20
CA GLY B 296 8.44 -1.59 22.50
C GLY B 296 6.94 -1.70 22.65
N PHE B 297 6.48 -1.43 23.88
CA PHE B 297 5.09 -1.66 24.34
C PHE B 297 4.67 -0.48 25.21
N THR B 298 3.62 0.25 24.81
CA THR B 298 2.97 1.37 25.54
C THR B 298 1.53 1.00 25.93
N ILE B 299 1.19 1.09 27.22
CA ILE B 299 -0.21 0.98 27.71
C ILE B 299 -0.84 2.38 27.69
N TRP B 300 -2.14 2.46 27.41
CA TRP B 300 -2.83 3.79 27.29
C TRP B 300 -3.24 4.28 28.69
N ASP B 301 -2.28 4.91 29.39
CA ASP B 301 -2.22 5.14 30.86
C ASP B 301 -2.10 3.79 31.56
N TRP B 302 -1.94 3.77 32.89
CA TRP B 302 -1.45 2.58 33.61
C TRP B 302 -2.42 2.20 34.75
N THR B 303 -3.35 3.11 35.13
CA THR B 303 -4.35 2.86 36.22
C THR B 303 -5.75 3.07 35.69
N ASP B 304 -6.65 2.15 36.04
CA ASP B 304 -8.10 2.26 35.78
C ASP B 304 -8.64 3.62 36.23
N LYS B 305 -8.02 4.30 37.22
CA LYS B 305 -8.49 5.66 37.68
C LYS B 305 -8.61 6.65 36.52
N TYR B 306 -7.72 6.55 35.53
CA TYR B 306 -7.58 7.60 34.49
C TYR B 306 -7.79 7.02 33.07
N SER B 307 -8.28 5.79 32.91
CA SER B 307 -8.52 5.16 31.58
C SER B 307 -9.58 5.96 30.80
N TRP B 308 -9.38 6.12 29.49
CA TRP B 308 -10.37 6.68 28.52
C TRP B 308 -11.54 5.72 28.26
N VAL B 309 -11.44 4.47 28.68
CA VAL B 309 -12.42 3.42 28.23
C VAL B 309 -13.85 3.74 28.69
N PRO B 310 -14.14 3.96 30.00
CA PRO B 310 -15.52 4.11 30.45
C PRO B 310 -16.32 5.21 29.75
N SER B 311 -15.69 6.30 29.36
CA SER B 311 -16.42 7.43 28.76
C SER B 311 -16.58 7.23 27.24
N THR B 312 -16.02 6.16 26.66
CA THR B 312 -16.11 5.83 25.21
C THR B 312 -16.91 4.55 24.98
N PHE B 313 -16.69 3.48 25.77
CA PHE B 313 -17.37 2.16 25.61
C PHE B 313 -18.33 1.97 26.80
N SER B 314 -19.60 2.31 26.63
CA SER B 314 -20.56 2.40 27.76
C SER B 314 -20.66 1.03 28.46
N GLY B 315 -20.47 1.01 29.79
CA GLY B 315 -20.53 -0.21 30.60
C GLY B 315 -19.22 -0.98 30.69
N TYR B 316 -18.15 -0.57 29.99
CA TYR B 316 -16.84 -1.27 30.06
C TYR B 316 -15.86 -0.47 30.90
N GLY B 317 -14.78 -1.14 31.33
CA GLY B 317 -13.71 -0.48 32.09
C GLY B 317 -12.70 -1.46 32.62
N ALA B 318 -12.01 -1.06 33.70
CA ALA B 318 -10.98 -1.87 34.40
C ALA B 318 -10.01 -2.47 33.37
N ALA B 319 -9.57 -1.66 32.40
CA ALA B 319 -8.80 -2.12 31.23
C ALA B 319 -7.29 -2.19 31.45
N LEU B 320 -6.74 -1.80 32.60
CA LEU B 320 -5.26 -1.59 32.74
C LEU B 320 -4.65 -2.43 33.86
N PRO B 321 -3.30 -2.51 33.96
CA PRO B 321 -2.68 -3.42 34.92
C PRO B 321 -2.68 -2.99 36.41
N TRP B 322 -3.06 -1.75 36.72
CA TRP B 322 -3.29 -1.25 38.11
C TRP B 322 -4.73 -0.78 38.25
N ASP B 323 -5.37 -0.99 39.43
CA ASP B 323 -6.77 -0.60 39.74
C ASP B 323 -6.87 0.90 40.11
N GLU B 324 -8.08 1.36 40.41
CA GLU B 324 -8.41 2.80 40.60
C GLU B 324 -7.83 3.31 41.93
N ASN B 325 -7.29 2.43 42.77
CA ASN B 325 -6.57 2.76 44.01
C ASN B 325 -5.05 2.64 43.80
N LEU B 326 -4.55 2.52 42.55
CA LEU B 326 -3.10 2.39 42.19
C LEU B 326 -2.49 1.12 42.79
N VAL B 327 -3.26 0.03 42.88
CA VAL B 327 -2.81 -1.29 43.37
C VAL B 327 -2.77 -2.28 42.18
N LYS B 328 -1.69 -3.06 42.10
CA LYS B 328 -1.42 -3.98 40.96
C LYS B 328 -2.56 -5.00 40.90
N LYS B 329 -3.01 -5.30 39.68
CA LYS B 329 -3.98 -6.34 39.34
C LYS B 329 -3.23 -7.58 38.82
N PRO B 330 -3.88 -8.74 38.62
CA PRO B 330 -3.16 -9.90 38.08
C PRO B 330 -2.42 -9.65 36.76
N ALA B 331 -2.91 -8.72 35.93
CA ALA B 331 -2.29 -8.32 34.62
C ALA B 331 -0.84 -7.84 34.77
N TYR B 332 -0.46 -7.24 35.91
CA TYR B 332 0.95 -6.82 36.13
C TYR B 332 1.88 -8.04 36.04
N ASN B 333 1.55 -9.14 36.72
CA ASN B 333 2.38 -10.38 36.72
C ASN B 333 2.28 -11.10 35.37
N GLY B 334 1.13 -11.01 34.71
CA GLY B 334 0.93 -11.46 33.33
C GLY B 334 1.93 -10.82 32.37
N LEU B 335 2.15 -9.50 32.47
CA LEU B 335 3.13 -8.81 31.60
C LEU B 335 4.53 -9.30 31.96
N LEU B 336 4.87 -9.43 33.25
CA LEU B 336 6.19 -9.99 33.64
C LEU B 336 6.37 -11.40 33.05
N ALA B 337 5.35 -12.27 33.10
CA ALA B 337 5.47 -13.67 32.63
C ALA B 337 5.69 -13.67 31.11
N GLY B 338 5.05 -12.75 30.38
CA GLY B 338 5.24 -12.57 28.93
C GLY B 338 6.64 -12.11 28.58
N MET B 339 7.38 -11.52 29.52
CA MET B 339 8.78 -11.10 29.28
C MET B 339 9.76 -12.04 30.03
N GLY B 340 9.33 -13.27 30.30
CA GLY B 340 10.22 -14.36 30.76
C GLY B 340 10.58 -14.26 32.24
N VAL B 341 9.76 -13.60 33.07
CA VAL B 341 10.01 -13.45 34.54
C VAL B 341 9.01 -14.32 35.31
N THR B 342 9.49 -15.39 35.95
CA THR B 342 8.68 -16.29 36.82
C THR B 342 8.38 -15.51 38.11
N VAL B 343 7.09 -15.21 38.39
CA VAL B 343 6.62 -14.28 39.46
C VAL B 343 5.81 -15.07 40.49
C1 NAG C . -0.04 -24.49 -30.36
C2 NAG C . 0.50 -25.67 -31.18
C3 NAG C . 1.05 -25.11 -32.52
C4 NAG C . 0.01 -24.29 -33.27
C5 NAG C . -0.62 -23.23 -32.36
C6 NAG C . -1.78 -22.52 -33.06
C7 NAG C . 1.41 -27.37 -29.69
C8 NAG C . 2.68 -27.95 -29.18
N2 NAG C . 1.58 -26.36 -30.53
O3 NAG C . 1.55 -26.17 -33.35
O4 NAG C . 0.65 -23.69 -34.41
O5 NAG C . -1.08 -23.86 -31.12
O6 NAG C . -2.97 -23.36 -33.12
O7 NAG C . 0.32 -27.80 -29.35
C1 NAG D . 4.38 20.60 -31.32
C2 NAG D . 4.17 21.50 -30.13
C3 NAG D . 2.75 21.20 -29.54
C4 NAG D . 1.66 21.34 -30.58
C5 NAG D . 1.97 20.56 -31.87
C6 NAG D . 1.03 20.96 -33.02
C7 NAG D . 6.41 22.02 -28.97
C8 NAG D . 7.10 21.76 -27.66
N2 NAG D . 5.25 21.31 -29.15
O3 NAG D . 2.35 22.07 -28.47
O4 NAG D . 0.41 20.95 -29.99
O5 NAG D . 3.35 20.76 -32.29
O6 NAG D . 1.25 22.34 -33.42
O7 NAG D . 6.90 22.85 -29.71
C1 EDO E . 24.73 4.46 -33.31
O1 EDO E . 23.47 5.15 -33.35
C2 EDO E . 24.66 3.02 -32.94
O2 EDO E . 23.67 2.27 -33.62
C1 EDO F . 8.04 -1.58 -13.33
O1 EDO F . 9.40 -1.59 -13.71
C2 EDO F . 7.05 -1.95 -14.40
O2 EDO F . 7.40 -1.68 -15.73
C1 EDO G . 10.33 19.26 -42.49
O1 EDO G . 9.70 19.62 -41.28
C2 EDO G . 11.77 18.94 -42.33
O2 EDO G . 12.30 17.91 -43.17
C1 EDO H . 6.87 -2.32 -9.67
O1 EDO H . 6.66 -3.05 -8.47
C2 EDO H . 8.03 -1.39 -9.57
O2 EDO H . 7.83 -0.54 -8.51
C1 EDO I . 10.62 6.87 -13.10
O1 EDO I . 10.75 8.04 -13.89
C2 EDO I . 10.75 7.14 -11.67
O2 EDO I . 10.03 8.28 -11.29
C1 EDO J . 24.46 14.56 -35.16
O1 EDO J . 25.58 14.64 -34.28
C2 EDO J . 24.57 13.56 -36.25
O2 EDO J . 23.93 12.30 -35.98
C1 EDO K . 7.17 -12.93 -21.23
O1 EDO K . 8.15 -13.65 -20.45
C2 EDO K . 7.64 -11.80 -22.06
O2 EDO K . 9.01 -11.45 -21.92
C1 EDO L . 16.43 12.16 -37.76
O1 EDO L . 17.82 12.23 -37.51
C2 EDO L . 16.08 11.49 -39.06
O2 EDO L . 16.49 12.25 -40.15
C1 EDO M . -6.47 -26.55 -16.23
O1 EDO M . -5.11 -26.35 -15.93
C2 EDO M . -6.69 -27.64 -17.20
O2 EDO M . -7.97 -27.56 -17.74
C1 EDO N . -6.83 -12.21 -34.01
O1 EDO N . -7.20 -12.95 -35.17
C2 EDO N . -6.40 -13.07 -32.88
O2 EDO N . -7.38 -13.98 -32.38
C1 EDO O . 7.93 0.13 -27.48
O1 EDO O . 7.45 0.05 -28.74
C2 EDO O . 9.25 0.67 -27.55
O2 EDO O . 9.24 2.06 -27.57
C1 EDO P . 14.98 -6.52 -18.90
O1 EDO P . 14.74 -7.85 -19.34
C2 EDO P . 14.21 -6.16 -17.68
O2 EDO P . 13.31 -5.06 -17.87
C1 EDO Q . -3.98 -9.26 0.51
O1 EDO Q . -3.77 -10.55 0.10
C2 EDO Q . -4.69 -8.48 -0.48
O2 EDO Q . -5.81 -7.92 0.03
C1 EDO R . 13.57 -13.65 -18.96
O1 EDO R . 12.33 -13.01 -19.32
C2 EDO R . 13.48 -15.15 -18.83
O2 EDO R . 12.73 -15.76 -19.90
K K S . -16.04 -7.05 -14.23
C1 HQ8 T . 7.70 -5.33 -19.98
C2 HQ8 T . 6.43 -4.69 -20.62
C4 HQ8 T . 5.96 -3.45 -19.83
C5 HQ8 T . 5.59 -3.87 -18.40
C6 HQ8 T . 6.82 -4.47 -17.76
C7 HQ8 T . 7.38 -5.66 -18.54
O1 HQ8 T . 8.15 -6.47 -20.71
O3 HQ8 T . 4.86 -2.79 -20.50
O4 HQ8 T . 6.73 -4.33 -21.98
O5 HQ8 T . 7.84 -3.47 -17.70
C1 XYP U . 9.56 -6.62 -20.63
C2 XYP U . 9.90 -7.96 -21.26
C3 XYP U . 11.42 -8.18 -21.22
C4 XYP U . 12.09 -6.95 -21.81
C5 XYP U . 11.63 -5.70 -21.14
O2 XYP U . 9.25 -8.96 -20.52
O3 XYP U . 11.72 -9.38 -21.95
O4 XYP U . 13.50 -7.14 -21.69
O5 XYP U . 10.23 -5.56 -21.31
C1 NAG V . 8.41 13.40 38.83
C2 NAG V . 8.66 14.31 40.07
C3 NAG V . 8.88 15.79 39.64
C4 NAG V . 9.95 15.94 38.53
C5 NAG V . 9.66 14.97 37.41
C6 NAG V . 10.68 15.06 36.30
C7 NAG V . 7.43 13.28 41.97
C8 NAG V . 6.17 13.28 42.77
N2 NAG V . 7.55 14.22 41.03
O3 NAG V . 9.11 16.70 40.73
O4 NAG V . 9.92 17.30 38.05
O5 NAG V . 9.57 13.62 37.95
O6 NAG V . 11.90 14.40 36.65
O7 NAG V . 8.26 12.43 42.21
C1 NAG W . -3.92 17.58 -4.98
C2 NAG W . -4.46 16.49 -5.87
C3 NAG W . -3.38 15.41 -6.05
C4 NAG W . -2.00 15.93 -6.46
C5 NAG W . -1.59 17.16 -5.61
C6 NAG W . -0.33 17.85 -6.15
C7 NAG W . -6.94 16.22 -5.80
C8 NAG W . -8.12 15.73 -5.03
N2 NAG W . -5.69 15.89 -5.39
O3 NAG W . -3.96 14.51 -7.02
O4 NAG W . -1.03 14.89 -6.34
O5 NAG W . -2.69 18.11 -5.48
O6 NAG W . -0.65 18.39 -7.45
O7 NAG W . -7.17 16.98 -6.73
C1 EDO X . -9.19 3.42 18.74
O1 EDO X . -9.33 4.79 18.49
C2 EDO X . -10.45 2.61 18.49
O2 EDO X . -11.61 2.98 19.23
C1 EDO Y . 10.27 21.80 23.69
O1 EDO Y . 11.28 21.23 22.89
C2 EDO Y . 9.98 20.95 24.87
O2 EDO Y . 10.69 21.36 26.01
C1 EDO Z . -11.91 4.96 -0.93
O1 EDO Z . -10.63 4.45 -0.40
C2 EDO Z . -12.66 5.91 -0.06
O2 EDO Z . -13.20 5.34 1.16
C1 EDO AA . -10.14 28.50 5.64
O1 EDO AA . -11.49 28.67 5.99
C2 EDO AA . -9.63 29.65 4.90
O2 EDO AA . -8.45 30.15 5.50
C1 EDO BA . -4.88 9.88 28.10
O1 EDO BA . -6.28 10.10 28.21
C2 EDO BA . -4.23 9.36 29.32
O2 EDO BA . -5.12 8.56 30.16
C1 EDO CA . -1.41 21.58 36.53
O1 EDO CA . -2.65 22.25 36.67
C2 EDO CA . -1.49 20.32 35.77
O2 EDO CA . -2.51 19.47 36.27
C1 EDO DA . 5.20 -12.50 5.21
O1 EDO DA . 5.28 -12.15 6.60
C2 EDO DA . 3.80 -12.60 4.71
O2 EDO DA . 3.10 -11.37 4.62
C1 EDO EA . -11.30 -0.95 19.48
O1 EDO EA . -11.38 -2.08 20.32
C2 EDO EA . -12.03 -1.17 18.22
O2 EDO EA . -13.42 -1.21 18.38
C1 EDO FA . -15.49 2.04 10.12
O1 EDO FA . -15.12 1.49 8.85
C2 EDO FA . -14.52 3.04 10.65
O2 EDO FA . -14.43 4.21 9.84
C1 EDO GA . -16.14 0.30 5.48
O1 EDO GA . -15.63 -0.69 6.37
C2 EDO GA . -17.30 1.03 6.03
O2 EDO GA . -17.06 2.41 6.29
C1 EDO HA . -21.07 -8.76 33.84
O1 EDO HA . -20.18 -9.29 34.79
C2 EDO HA . -22.47 -8.87 34.28
O2 EDO HA . -23.18 -7.65 34.29
C1 EDO IA . 6.07 15.51 -1.26
O1 EDO IA . 5.31 16.49 -0.54
C2 EDO IA . 5.64 14.08 -1.02
O2 EDO IA . 4.45 13.68 -1.72
K K JA . 11.57 -7.76 19.73
C1 HQ8 KA . -6.83 8.25 21.84
C2 HQ8 KA . -5.50 8.24 21.07
C4 HQ8 KA . -5.71 7.35 19.85
C5 HQ8 KA . -5.98 5.87 20.25
C6 HQ8 KA . -7.27 5.86 21.08
C7 HQ8 KA . -7.18 6.85 22.25
O1 HQ8 KA . -6.67 9.11 22.99
O3 HQ8 KA . -4.71 7.54 18.83
O4 HQ8 KA . -5.18 9.58 20.71
O5 HQ8 KA . -8.39 6.34 20.34
C1 XYP LA . -7.89 9.63 23.50
C2 XYP LA . -7.65 10.28 24.86
C3 XYP LA . -8.93 10.95 25.35
C4 XYP LA . -9.47 11.87 24.24
C5 XYP LA . -9.63 11.09 22.94
O2 XYP LA . -7.20 9.29 25.77
O3 XYP LA . -8.62 11.72 26.60
O4 XYP LA . -10.72 12.44 24.67
O5 XYP LA . -8.34 10.58 22.57
#